data_4MYS
#
_entry.id   4MYS
#
_cell.length_a   122.000
_cell.length_b   122.000
_cell.length_c   46.940
_cell.angle_alpha   90.00
_cell.angle_beta   90.00
_cell.angle_gamma   120.00
#
_symmetry.space_group_name_H-M   'P 31'
#
loop_
_entity.id
_entity.type
_entity.pdbx_description
1 polymer '2-succinyl-6-hydroxy-2,4-cyclohexadiene-1-carboxylate synthase'
2 non-polymer '2-(3-CARBOXYPROPIONYL)-6-HYDROXY-CYCLOHEXA-2,4-DIENE CARBOXYLIC ACID'
3 non-polymer GLYCEROL
4 non-polymer 'PYRUVIC ACID'
5 water water
#
_entity_poly.entity_id   1
_entity_poly.type   'polypeptide(L)'
_entity_poly.pdbx_seq_one_letter_code
;MILHAQAKHGKPGLPWLVFLHGFSGDCHEWQEVGEAFADYSRLYVDLPGHGGSAAISVDGFDDVTDLLRKTLVSYNILDF
WLVGYSLGGRVAMMAACQGLAGLCGVIVEGGHPGLQNAEQRAERQRSDRQWVQRFLTEPLTAVFADWYQQPVFASLNDDQ
RRELVALRSNNNGATLAAMLEATSLAVQPDLRANLSARTFAFYYLCGERDSKFRALAAELAADCHVIPRAGHNAHRENPA
GVIASLAQILRF
;
_entity_poly.pdbx_strand_id   A,B,C
#
loop_
_chem_comp.id
_chem_comp.type
_chem_comp.name
_chem_comp.formula
164 non-polymer '2-(3-CARBOXYPROPIONYL)-6-HYDROXY-CYCLOHEXA-2,4-DIENE CARBOXYLIC ACID' 'C11 H12 O6'
GOL non-polymer GLYCEROL 'C3 H8 O3'
PYR non-polymer 'PYRUVIC ACID' 'C3 H4 O3'
#
# COMPACT_ATOMS: atom_id res chain seq x y z
N MET A 1 20.43 36.42 21.26
CA MET A 1 20.86 35.02 21.27
C MET A 1 19.67 34.07 21.35
N ILE A 2 19.62 33.10 20.45
CA ILE A 2 18.64 32.04 20.53
C ILE A 2 19.34 30.69 20.59
N LEU A 3 18.61 29.66 20.94
CA LEU A 3 19.18 28.32 20.94
C LEU A 3 19.31 27.79 19.53
N HIS A 4 20.35 27.00 19.28
CA HIS A 4 20.43 26.27 18.04
C HIS A 4 19.29 25.25 18.02
N ALA A 5 18.68 25.09 16.84
CA ALA A 5 17.59 24.15 16.66
C ALA A 5 17.48 23.74 15.21
N GLN A 6 16.81 22.62 14.98
CA GLN A 6 16.41 22.22 13.64
C GLN A 6 14.90 22.23 13.55
N ALA A 7 14.38 22.98 12.58
CA ALA A 7 12.95 23.09 12.33
C ALA A 7 12.52 22.25 11.14
N LYS A 8 11.37 21.61 11.29
CA LYS A 8 10.71 20.91 10.19
C LYS A 8 9.28 21.46 10.09
N HIS A 9 8.89 21.95 8.93
CA HIS A 9 7.57 22.55 8.82
C HIS A 9 6.55 21.49 8.41
N GLY A 10 5.41 21.45 9.09
CA GLY A 10 4.33 20.54 8.70
C GLY A 10 3.19 21.33 8.05
N LYS A 11 1.97 20.89 8.29
CA LYS A 11 0.81 21.55 7.69
C LYS A 11 0.63 22.90 8.35
N PRO A 12 0.45 23.96 7.54
CA PRO A 12 0.26 25.26 8.20
C PRO A 12 -0.99 25.26 9.09
N GLY A 13 -0.86 25.82 10.27
CA GLY A 13 -1.99 25.91 11.17
C GLY A 13 -1.96 24.89 12.27
N LEU A 14 -1.27 23.77 12.05
CA LEU A 14 -1.20 22.77 13.09
C LEU A 14 -0.17 23.19 14.12
N PRO A 15 -0.28 22.70 15.35
CA PRO A 15 0.68 23.11 16.36
C PRO A 15 2.11 22.69 16.06
N TRP A 16 3.05 23.38 16.69
CA TRP A 16 4.41 22.87 16.74
C TRP A 16 4.58 21.87 17.89
N LEU A 17 5.43 20.88 17.63
CA LEU A 17 5.94 20.00 18.69
C LEU A 17 7.37 20.41 18.94
N VAL A 18 7.65 20.92 20.13
CA VAL A 18 8.97 21.44 20.46
C VAL A 18 9.62 20.43 21.40
N PHE A 19 10.69 19.80 20.92
CA PHE A 19 11.29 18.67 21.61
C PHE A 19 12.57 19.05 22.32
N LEU A 20 12.67 18.62 23.58
CA LEU A 20 13.86 18.90 24.42
C LEU A 20 14.50 17.61 24.86
N HIS A 21 15.76 17.43 24.49
CA HIS A 21 16.55 16.25 24.81
C HIS A 21 16.96 16.28 26.28
N GLY A 22 17.63 15.21 26.72
CA GLY A 22 18.14 15.12 28.09
C GLY A 22 19.60 15.46 28.23
N PHE A 23 20.12 15.30 29.43
CA PHE A 23 21.52 15.66 29.65
C PHE A 23 22.47 14.81 28.78
N SER A 24 23.40 15.51 28.12
CA SER A 24 24.38 15.01 27.13
C SER A 24 23.78 14.68 25.77
N GLY A 25 22.46 14.87 25.62
CA GLY A 25 21.83 14.68 24.34
C GLY A 25 22.03 15.87 23.41
N ASP A 26 21.36 15.82 22.27
CA ASP A 26 21.31 16.95 21.35
C ASP A 26 20.03 16.87 20.57
N CYS A 27 19.89 17.74 19.60
CA CYS A 27 18.62 17.86 18.89
C CYS A 27 18.22 16.62 18.07
N HIS A 28 19.13 15.67 17.91
CA HIS A 28 18.76 14.43 17.24
C HIS A 28 17.98 13.47 18.12
N GLU A 29 18.00 13.68 19.44
CA GLU A 29 17.40 12.74 20.39
C GLU A 29 15.98 12.32 20.04
N TRP A 30 15.14 13.31 19.76
CA TRP A 30 13.72 13.03 19.54
C TRP A 30 13.33 12.85 18.08
N GLN A 31 14.29 12.90 17.15
CA GLN A 31 13.90 12.90 15.73
C GLN A 31 13.30 11.58 15.23
N GLU A 32 13.72 10.42 15.74
CA GLU A 32 13.14 9.18 15.28
C GLU A 32 11.63 9.17 15.60
N VAL A 33 11.27 9.66 16.77
CA VAL A 33 9.89 9.72 17.18
C VAL A 33 9.15 10.91 16.52
N GLY A 34 9.76 12.10 16.54
CA GLY A 34 9.08 13.31 16.14
C GLY A 34 8.72 13.31 14.68
N GLU A 35 9.56 12.68 13.86
CA GLU A 35 9.35 12.70 12.41
C GLU A 35 8.16 11.84 12.02
N ALA A 36 7.69 11.00 12.94
CA ALA A 36 6.42 10.31 12.70
C ALA A 36 5.23 11.27 12.71
N PHE A 37 5.38 12.46 13.27
CA PHE A 37 4.29 13.43 13.30
C PHE A 37 4.47 14.46 12.20
N ALA A 38 4.54 13.95 10.98
CA ALA A 38 4.93 14.76 9.82
C ALA A 38 3.92 15.85 9.48
N ASP A 39 2.70 15.73 9.98
CA ASP A 39 1.69 16.77 9.81
C ASP A 39 1.90 17.98 10.70
N TYR A 40 2.51 17.75 11.86
CA TYR A 40 2.81 18.84 12.77
C TYR A 40 4.09 19.52 12.32
N SER A 41 4.35 20.73 12.80
CA SER A 41 5.69 21.28 12.65
C SER A 41 6.52 20.79 13.86
N ARG A 42 7.82 20.59 13.66
CA ARG A 42 8.69 20.06 14.70
C ARG A 42 9.88 20.99 14.91
N LEU A 43 10.20 21.29 16.15
CA LEU A 43 11.41 22.05 16.48
C LEU A 43 12.24 21.19 17.41
N TYR A 44 13.41 20.80 16.92
CA TYR A 44 14.34 20.00 17.72
C TYR A 44 15.42 20.91 18.28
N VAL A 45 15.35 21.17 19.58
CA VAL A 45 16.17 22.19 20.23
C VAL A 45 17.45 21.61 20.82
N ASP A 46 18.56 22.33 20.70
CA ASP A 46 19.77 22.04 21.48
C ASP A 46 19.77 22.90 22.75
N LEU A 47 19.71 22.25 23.91
CA LEU A 47 19.77 22.97 25.18
C LEU A 47 21.14 23.65 25.36
N PRO A 48 21.21 24.71 26.19
CA PRO A 48 22.51 25.29 26.52
C PRO A 48 23.53 24.22 26.89
N GLY A 49 24.72 24.38 26.37
CA GLY A 49 25.83 23.49 26.67
C GLY A 49 25.86 22.24 25.82
N HIS A 50 24.84 22.07 24.97
CA HIS A 50 24.64 20.84 24.21
C HIS A 50 24.56 21.13 22.73
N GLY A 51 25.00 20.18 21.90
CA GLY A 51 24.89 20.33 20.46
C GLY A 51 25.43 21.66 19.97
N GLY A 52 24.70 22.31 19.06
CA GLY A 52 25.07 23.59 18.50
C GLY A 52 24.88 24.74 19.47
N SER A 53 24.29 24.46 20.63
CA SER A 53 24.14 25.47 21.69
C SER A 53 25.23 25.37 22.75
N ALA A 54 26.31 24.66 22.45
CA ALA A 54 27.36 24.47 23.43
C ALA A 54 27.85 25.77 24.07
N ALA A 55 27.98 26.83 23.26
CA ALA A 55 28.62 28.05 23.72
C ALA A 55 27.64 28.97 24.44
N ILE A 56 26.38 28.56 24.51
CA ILE A 56 25.39 29.34 25.25
C ILE A 56 25.41 28.93 26.71
N SER A 57 25.87 29.82 27.57
CA SER A 57 25.89 29.45 28.98
C SER A 57 24.72 30.09 29.71
N VAL A 58 24.30 29.43 30.78
CA VAL A 58 23.18 29.88 31.58
C VAL A 58 23.54 29.78 33.04
N ASP A 59 22.89 30.60 33.85
CA ASP A 59 23.11 30.59 35.29
C ASP A 59 22.13 29.70 36.00
N GLY A 60 21.05 29.34 35.32
CA GLY A 60 19.97 28.62 35.96
C GLY A 60 18.77 28.51 35.03
N PHE A 61 17.66 28.04 35.57
CA PHE A 61 16.47 27.84 34.76
C PHE A 61 15.87 29.11 34.20
N ASP A 62 15.96 30.23 34.94
CA ASP A 62 15.43 31.51 34.42
C ASP A 62 16.04 31.81 33.06
N ASP A 63 17.35 31.65 32.94
CA ASP A 63 18.02 31.91 31.69
C ASP A 63 17.58 30.92 30.60
N VAL A 64 17.39 29.66 30.96
CA VAL A 64 16.97 28.67 29.97
C VAL A 64 15.58 28.98 29.46
N THR A 65 14.68 29.32 30.36
CA THR A 65 13.33 29.68 29.92
C THR A 65 13.32 30.90 29.00
N ASP A 66 14.13 31.90 29.33
CA ASP A 66 14.23 33.11 28.51
C ASP A 66 14.74 32.75 27.12
N LEU A 67 15.75 31.90 27.07
CA LEU A 67 16.28 31.46 25.79
C LEU A 67 15.26 30.65 24.99
N LEU A 68 14.52 29.79 25.65
CA LEU A 68 13.43 29.07 24.99
C LEU A 68 12.39 30.03 24.41
N ARG A 69 11.97 31.01 25.21
CA ARG A 69 11.02 32.01 24.75
C ARG A 69 11.50 32.70 23.48
N LYS A 70 12.75 33.19 23.50
CA LYS A 70 13.30 33.90 22.37
C LYS A 70 13.43 33.00 21.15
N THR A 71 13.75 31.74 21.37
CA THR A 71 13.86 30.80 20.27
C THR A 71 12.49 30.58 19.61
N LEU A 72 11.46 30.40 20.42
CA LEU A 72 10.12 30.22 19.88
C LEU A 72 9.68 31.41 19.04
N VAL A 73 9.93 32.63 19.52
CA VAL A 73 9.58 33.83 18.78
C VAL A 73 10.33 33.89 17.46
N SER A 74 11.60 33.51 17.49
CA SER A 74 12.43 33.59 16.29
C SER A 74 11.91 32.67 15.19
N TYR A 75 11.34 31.53 15.59
CA TYR A 75 10.77 30.59 14.61
C TYR A 75 9.28 30.86 14.32
N ASN A 76 8.76 31.96 14.86
CA ASN A 76 7.36 32.33 14.67
C ASN A 76 6.38 31.25 15.16
N ILE A 77 6.70 30.63 16.28
CA ILE A 77 5.89 29.58 16.86
C ILE A 77 4.84 30.16 17.82
N LEU A 78 3.57 30.00 17.49
CA LEU A 78 2.49 30.64 18.25
C LEU A 78 1.61 29.70 19.10
N ASP A 79 1.67 28.44 18.76
CA ASP A 79 0.78 27.41 19.31
C ASP A 79 1.64 26.16 19.34
N PHE A 80 1.96 25.62 20.53
CA PHE A 80 2.90 24.51 20.57
C PHE A 80 2.76 23.62 21.79
N TRP A 81 3.26 22.40 21.64
CA TRP A 81 3.48 21.47 22.74
C TRP A 81 4.95 21.44 23.07
N LEU A 82 5.29 21.28 24.35
CA LEU A 82 6.66 21.07 24.77
C LEU A 82 6.79 19.61 25.17
N VAL A 83 7.74 18.88 24.57
CA VAL A 83 7.93 17.47 24.82
C VAL A 83 9.36 17.30 25.32
N GLY A 84 9.56 16.86 26.56
CA GLY A 84 10.91 16.81 27.11
C GLY A 84 11.24 15.49 27.76
N TYR A 85 12.47 15.03 27.53
CA TYR A 85 13.03 13.83 28.14
C TYR A 85 14.02 14.20 29.22
N SER A 86 13.79 13.68 30.43
CA SER A 86 14.74 13.71 31.55
C SER A 86 15.10 15.19 31.84
N LEU A 87 16.36 15.63 31.76
CA LEU A 87 16.65 17.06 31.97
C LEU A 87 15.75 17.95 31.11
N GLY A 88 15.51 17.54 29.88
CA GLY A 88 14.60 18.29 29.00
C GLY A 88 13.18 18.33 29.52
N GLY A 89 12.74 17.27 30.19
CA GLY A 89 11.45 17.29 30.87
C GLY A 89 11.43 18.26 32.03
N ARG A 90 12.54 18.36 32.76
CA ARG A 90 12.60 19.34 33.85
C ARG A 90 12.61 20.77 33.32
N VAL A 91 13.37 20.99 32.25
CA VAL A 91 13.37 22.30 31.60
C VAL A 91 11.95 22.64 31.13
N ALA A 92 11.24 21.65 30.56
CA ALA A 92 9.89 21.88 30.07
C ALA A 92 8.96 22.25 31.21
N MET A 93 9.04 21.52 32.33
CA MET A 93 8.16 21.83 33.45
C MET A 93 8.47 23.19 34.06
N MET A 94 9.76 23.50 34.21
CA MET A 94 10.11 24.84 34.71
C MET A 94 9.61 25.95 33.80
N ALA A 95 9.82 25.82 32.49
CA ALA A 95 9.38 26.85 31.57
C ALA A 95 7.87 26.98 31.55
N ALA A 96 7.17 25.85 31.54
CA ALA A 96 5.71 25.90 31.50
C ALA A 96 5.15 26.56 32.76
N CYS A 97 5.73 26.24 33.91
CA CYS A 97 5.25 26.85 35.15
C CYS A 97 5.62 28.33 35.27
N GLN A 98 6.75 28.73 34.69
CA GLN A 98 7.10 30.16 34.70
C GLN A 98 6.23 30.91 33.71
N GLY A 99 5.82 30.25 32.63
CA GLY A 99 4.91 30.83 31.67
C GLY A 99 5.52 31.01 30.29
N LEU A 100 4.93 30.32 29.32
CA LEU A 100 5.34 30.43 27.91
C LEU A 100 4.12 30.72 27.04
N ALA A 101 4.10 31.87 26.39
CA ALA A 101 2.94 32.23 25.57
C ALA A 101 2.74 31.26 24.40
N GLY A 102 1.52 30.74 24.29
CA GLY A 102 1.17 29.82 23.22
C GLY A 102 1.30 28.34 23.57
N LEU A 103 1.78 28.04 24.77
CA LEU A 103 1.92 26.65 25.20
C LEU A 103 0.57 25.98 25.38
N CYS A 104 0.32 24.87 24.70
CA CYS A 104 -0.97 24.25 24.92
C CYS A 104 -0.86 22.98 25.76
N GLY A 105 0.32 22.40 25.86
CA GLY A 105 0.47 21.20 26.64
C GLY A 105 1.93 20.85 26.80
N VAL A 106 2.20 20.07 27.85
CA VAL A 106 3.53 19.59 28.17
C VAL A 106 3.49 18.07 28.28
N ILE A 107 4.46 17.41 27.65
CA ILE A 107 4.59 15.97 27.76
C ILE A 107 6.00 15.71 28.28
N VAL A 108 6.09 15.04 29.42
CA VAL A 108 7.34 14.82 30.10
C VAL A 108 7.62 13.35 30.20
N GLU A 109 8.83 12.96 29.78
CA GLU A 109 9.29 11.58 29.86
C GLU A 109 10.41 11.50 30.88
N GLY A 110 10.12 10.91 32.04
CA GLY A 110 11.17 10.69 33.04
C GLY A 110 11.76 11.98 33.59
N GLY A 111 10.96 13.05 33.66
CA GLY A 111 11.43 14.29 34.27
C GLY A 111 11.05 14.38 35.73
N HIS A 112 12.01 14.73 36.58
CA HIS A 112 11.79 14.78 38.03
C HIS A 112 11.10 16.09 38.40
N PRO A 113 9.97 16.03 39.11
CA PRO A 113 9.24 17.24 39.48
C PRO A 113 9.91 18.06 40.58
N GLY A 114 10.90 17.49 41.27
CA GLY A 114 11.65 18.23 42.27
C GLY A 114 11.85 17.48 43.56
N LEU A 115 12.98 17.76 44.21
CA LEU A 115 13.30 17.19 45.52
C LEU A 115 12.48 17.91 46.61
N GLN A 116 12.43 17.33 47.80
CA GLN A 116 11.49 17.82 48.80
C GLN A 116 12.12 18.15 50.13
N ASN A 117 13.44 18.08 50.24
CA ASN A 117 14.11 18.61 51.43
C ASN A 117 15.59 18.91 51.21
N ALA A 118 16.20 19.54 52.22
CA ALA A 118 17.58 20.00 52.13
C ALA A 118 18.59 18.87 52.03
N GLU A 119 18.31 17.73 52.66
CA GLU A 119 19.25 16.60 52.65
C GLU A 119 19.34 15.98 51.26
N GLN A 120 18.20 15.87 50.59
CA GLN A 120 18.17 15.38 49.23
C GLN A 120 18.86 16.37 48.29
N ARG A 121 18.62 17.65 48.50
CA ARG A 121 19.24 18.64 47.64
C ARG A 121 20.75 18.62 47.83
N ALA A 122 21.20 18.50 49.07
CA ALA A 122 22.64 18.45 49.34
C ALA A 122 23.30 17.24 48.70
N GLU A 123 22.63 16.09 48.76
CA GLU A 123 23.17 14.88 48.18
C GLU A 123 23.34 15.03 46.67
N ARG A 124 22.33 15.60 46.03
CA ARG A 124 22.38 15.81 44.59
C ARG A 124 23.40 16.89 44.21
N GLN A 125 23.50 17.94 45.02
CA GLN A 125 24.48 18.99 44.74
C GLN A 125 25.88 18.41 44.78
N ARG A 126 26.14 17.58 45.78
CA ARG A 126 27.45 16.98 45.93
C ARG A 126 27.73 16.00 44.80
N SER A 127 26.76 15.19 44.44
CA SER A 127 26.91 14.22 43.38
CA SER A 127 26.98 14.22 43.38
C SER A 127 27.15 14.91 42.03
N ASP A 128 26.34 15.93 41.74
CA ASP A 128 26.52 16.66 40.49
C ASP A 128 27.87 17.37 40.48
N ARG A 129 28.33 17.88 41.62
CA ARG A 129 29.65 18.48 41.70
C ARG A 129 30.73 17.47 41.31
N GLN A 130 30.59 16.23 41.75
CA GLN A 130 31.56 15.21 41.38
C GLN A 130 31.52 14.90 39.91
N TRP A 131 30.32 14.80 39.33
CA TRP A 131 30.24 14.59 37.88
C TRP A 131 30.85 15.76 37.12
N VAL A 132 30.61 16.99 37.59
CA VAL A 132 31.19 18.18 36.96
C VAL A 132 32.71 18.05 36.88
N GLN A 133 33.35 17.67 37.96
CA GLN A 133 34.79 17.50 37.97
C GLN A 133 35.23 16.44 36.98
N ARG A 134 34.48 15.34 36.85
CA ARG A 134 34.82 14.31 35.88
C ARG A 134 34.69 14.82 34.45
N PHE A 135 33.60 15.54 34.15
CA PHE A 135 33.42 16.08 32.81
C PHE A 135 34.51 17.09 32.48
N LEU A 136 35.09 17.73 33.49
CA LEU A 136 36.17 18.71 33.23
C LEU A 136 37.55 18.08 33.10
N THR A 137 37.72 16.81 33.46
CA THR A 137 39.06 16.28 33.61
C THR A 137 39.34 14.91 32.98
N GLU A 138 38.31 14.18 32.55
CA GLU A 138 38.49 12.79 32.16
C GLU A 138 38.08 12.52 30.72
N PRO A 139 38.58 11.41 30.15
CA PRO A 139 38.07 11.04 28.82
C PRO A 139 36.56 10.80 28.88
N LEU A 140 35.79 11.34 27.94
CA LEU A 140 34.35 11.24 28.02
C LEU A 140 33.90 9.81 27.85
N THR A 141 34.64 8.98 27.12
CA THR A 141 34.24 7.57 27.02
C THR A 141 34.33 6.91 28.41
N ALA A 142 35.26 7.34 29.26
CA ALA A 142 35.32 6.79 30.62
C ALA A 142 34.21 7.35 31.49
N VAL A 143 33.94 8.64 31.40
CA VAL A 143 32.89 9.23 32.21
C VAL A 143 31.53 8.64 31.81
N PHE A 144 31.25 8.51 30.51
CA PHE A 144 29.94 8.00 30.13
C PHE A 144 29.81 6.48 30.40
N ALA A 145 30.91 5.74 30.45
CA ALA A 145 30.80 4.32 30.82
C ALA A 145 30.25 4.22 32.23
N ASP A 146 30.61 5.15 33.12
CA ASP A 146 30.05 5.14 34.46
C ASP A 146 28.67 5.81 34.49
N TRP A 147 28.50 6.85 33.68
CA TRP A 147 27.22 7.54 33.63
C TRP A 147 26.07 6.56 33.37
N TYR A 148 26.29 5.65 32.42
CA TYR A 148 25.26 4.70 32.03
C TYR A 148 25.21 3.47 32.92
N GLN A 149 25.94 3.47 34.04
CA GLN A 149 25.76 2.46 35.08
C GLN A 149 25.10 3.05 36.34
N GLN A 150 24.63 4.30 36.26
CA GLN A 150 23.86 4.84 37.38
C GLN A 150 22.56 4.06 37.53
N PRO A 151 21.94 4.09 38.71
CA PRO A 151 20.71 3.31 38.91
C PRO A 151 19.62 3.54 37.88
N VAL A 152 19.42 4.78 37.42
CA VAL A 152 18.37 5.04 36.46
C VAL A 152 18.63 4.30 35.14
N PHE A 153 19.88 3.89 34.92
CA PHE A 153 20.24 3.16 33.70
C PHE A 153 20.63 1.71 33.96
N ALA A 154 20.28 1.19 35.14
CA ALA A 154 20.58 -0.20 35.47
C ALA A 154 19.92 -1.16 34.51
N SER A 155 18.77 -0.76 33.97
CA SER A 155 18.02 -1.65 33.08
C SER A 155 18.70 -1.92 31.73
N LEU A 156 19.64 -1.09 31.34
CA LEU A 156 20.32 -1.25 30.04
C LEU A 156 21.13 -2.52 30.02
N ASN A 157 21.32 -3.06 28.82
CA ASN A 157 22.27 -4.15 28.66
C ASN A 157 23.58 -3.57 28.15
N ASP A 158 24.61 -4.41 28.05
CA ASP A 158 25.91 -3.84 27.79
C ASP A 158 26.07 -3.38 26.34
N ASP A 159 25.36 -3.99 25.40
CA ASP A 159 25.37 -3.49 24.02
C ASP A 159 24.76 -2.09 23.96
N GLN A 160 23.65 -1.90 24.65
CA GLN A 160 23.01 -0.58 24.68
C GLN A 160 23.92 0.45 25.31
N ARG A 161 24.61 0.09 26.40
CA ARG A 161 25.54 1.03 27.03
C ARG A 161 26.70 1.38 26.11
N ARG A 162 27.27 0.38 25.42
CA ARG A 162 28.41 0.68 24.52
C ARG A 162 27.98 1.67 23.44
N GLU A 163 26.77 1.48 22.92
CA GLU A 163 26.29 2.37 21.87
C GLU A 163 26.06 3.79 22.41
N LEU A 164 25.50 3.87 23.61
CA LEU A 164 25.28 5.18 24.21
C LEU A 164 26.56 5.91 24.59
N VAL A 165 27.55 5.17 25.09
CA VAL A 165 28.84 5.79 25.39
C VAL A 165 29.45 6.39 24.12
N ALA A 166 29.40 5.63 23.03
CA ALA A 166 29.97 6.13 21.78
C ALA A 166 29.24 7.38 21.32
N LEU A 167 27.92 7.38 21.44
CA LEU A 167 27.14 8.52 21.03
C LEU A 167 27.41 9.76 21.88
N ARG A 168 27.31 9.62 23.20
CA ARG A 168 27.40 10.80 24.06
C ARG A 168 28.82 11.34 24.15
N SER A 169 29.81 10.52 23.79
CA SER A 169 31.20 10.99 23.84
C SER A 169 31.45 12.12 22.83
N ASN A 170 30.55 12.31 21.86
CA ASN A 170 30.57 13.55 21.04
C ASN A 170 29.87 14.70 21.80
N ASN A 171 30.68 15.46 22.52
CA ASN A 171 30.19 16.47 23.45
C ASN A 171 31.36 17.26 23.95
N ASN A 172 31.09 18.46 24.44
CA ASN A 172 32.13 19.28 25.04
C ASN A 172 32.04 19.13 26.55
N GLY A 173 33.04 18.50 27.15
CA GLY A 173 32.96 18.26 28.58
C GLY A 173 32.79 19.52 29.43
N ALA A 174 33.46 20.60 29.04
CA ALA A 174 33.36 21.84 29.80
C ALA A 174 31.95 22.40 29.76
N THR A 175 31.29 22.39 28.59
CA THR A 175 29.98 23.02 28.52
C THR A 175 28.92 22.08 29.09
N LEU A 176 29.10 20.76 28.97
CA LEU A 176 28.23 19.84 29.72
C LEU A 176 28.33 20.11 31.20
N ALA A 177 29.56 20.25 31.71
CA ALA A 177 29.75 20.50 33.15
C ALA A 177 29.03 21.76 33.59
N ALA A 178 29.17 22.84 32.82
CA ALA A 178 28.51 24.09 33.17
C ALA A 178 26.99 23.94 33.22
N MET A 179 26.42 23.28 32.22
CA MET A 179 24.97 23.09 32.21
C MET A 179 24.51 22.14 33.33
N LEU A 180 25.29 21.11 33.62
CA LEU A 180 24.89 20.15 34.67
C LEU A 180 24.70 20.89 36.01
N GLU A 181 25.66 21.75 36.34
CA GLU A 181 25.57 22.55 37.55
C GLU A 181 24.40 23.54 37.50
N ALA A 182 24.28 24.24 36.38
CA ALA A 182 23.30 25.32 36.27
C ALA A 182 21.85 24.86 36.43
N THR A 183 21.56 23.67 35.91
CA THR A 183 20.19 23.18 35.96
C THR A 183 20.07 21.93 36.82
N SER A 184 21.02 21.75 37.72
CA SER A 184 21.01 20.64 38.64
C SER A 184 19.65 20.48 39.31
N LEU A 185 19.20 19.25 39.49
CA LEU A 185 17.98 19.02 40.27
C LEU A 185 18.13 19.65 41.67
N ALA A 186 19.34 19.81 42.16
CA ALA A 186 19.54 20.44 43.48
C ALA A 186 19.01 21.85 43.58
N VAL A 187 18.93 22.57 42.47
CA VAL A 187 18.46 23.96 42.51
C VAL A 187 17.05 24.13 41.98
N GLN A 188 16.39 23.03 41.63
CA GLN A 188 15.04 23.10 41.08
C GLN A 188 13.99 23.15 42.19
N PRO A 189 12.99 24.03 42.08
CA PRO A 189 11.87 24.00 43.02
C PRO A 189 11.10 22.69 42.95
N ASP A 190 10.39 22.39 44.03
CA ASP A 190 9.41 21.30 44.01
C ASP A 190 8.16 21.80 43.25
N LEU A 191 7.97 21.28 42.04
CA LEU A 191 6.90 21.75 41.16
C LEU A 191 5.55 21.05 41.35
N ARG A 192 5.46 20.16 42.33
CA ARG A 192 4.24 19.38 42.46
C ARG A 192 2.99 20.24 42.62
N ALA A 193 3.05 21.24 43.50
CA ALA A 193 1.88 22.06 43.73
C ALA A 193 1.53 22.86 42.49
N ASN A 194 2.54 23.41 41.84
CA ASN A 194 2.31 24.18 40.63
C ASN A 194 1.71 23.32 39.52
N LEU A 195 2.27 22.14 39.31
CA LEU A 195 1.74 21.19 38.33
C LEU A 195 0.29 20.80 38.63
N SER A 196 -0.04 20.64 39.90
CA SER A 196 -1.41 20.29 40.30
C SER A 196 -2.41 21.35 39.87
N ALA A 197 -1.95 22.60 39.78
CA ALA A 197 -2.83 23.73 39.50
C ALA A 197 -2.63 24.31 38.10
N ARG A 198 -2.26 23.44 37.18
CA ARG A 198 -1.83 23.86 35.85
C ARG A 198 -2.94 24.39 34.95
N THR A 199 -2.59 25.39 34.13
CA THR A 199 -3.45 25.87 33.06
C THR A 199 -3.32 24.96 31.84
N PHE A 200 -2.10 24.51 31.60
CA PHE A 200 -1.76 23.73 30.43
C PHE A 200 -2.02 22.25 30.66
N ALA A 201 -2.29 21.53 29.58
CA ALA A 201 -2.40 20.08 29.68
C ALA A 201 -1.02 19.51 30.05
N PHE A 202 -1.02 18.44 30.84
CA PHE A 202 0.23 17.85 31.34
C PHE A 202 0.11 16.35 31.31
N TYR A 203 1.06 15.73 30.62
CA TYR A 203 1.09 14.27 30.44
C TYR A 203 2.46 13.73 30.77
N TYR A 204 2.48 12.53 31.31
CA TYR A 204 3.74 11.91 31.73
C TYR A 204 3.94 10.59 31.00
N LEU A 205 5.16 10.36 30.54
CA LEU A 205 5.59 9.10 29.92
C LEU A 205 6.67 8.48 30.77
N CYS A 206 6.60 7.16 30.99
CA CYS A 206 7.62 6.49 31.78
C CYS A 206 7.84 5.12 31.20
N GLY A 207 9.10 4.69 31.11
CA GLY A 207 9.36 3.31 30.74
C GLY A 207 8.89 2.34 31.80
N GLU A 208 8.38 1.19 31.35
CA GLU A 208 7.92 0.13 32.27
C GLU A 208 8.98 -0.25 33.30
N ARG A 209 10.24 -0.25 32.86
CA ARG A 209 11.36 -0.74 33.66
C ARG A 209 12.04 0.38 34.45
N ASP A 210 11.47 1.57 34.41
CA ASP A 210 12.06 2.72 35.09
C ASP A 210 11.40 2.87 36.44
N SER A 211 11.91 2.15 37.44
CA SER A 211 11.24 2.06 38.73
C SER A 211 11.13 3.42 39.42
N LYS A 212 12.20 4.20 39.39
CA LYS A 212 12.20 5.50 40.08
C LYS A 212 11.12 6.42 39.51
N PHE A 213 10.99 6.50 38.20
CA PHE A 213 10.08 7.50 37.66
C PHE A 213 8.66 6.99 37.53
N ARG A 214 8.47 5.69 37.60
CA ARG A 214 7.11 5.20 37.71
C ARG A 214 6.53 5.62 39.04
N ALA A 215 7.34 5.58 40.09
CA ALA A 215 6.86 6.01 41.40
C ALA A 215 6.53 7.51 41.39
N LEU A 216 7.41 8.32 40.79
CA LEU A 216 7.19 9.75 40.77
C LEU A 216 5.95 10.19 40.00
N ALA A 217 5.73 9.56 38.85
CA ALA A 217 4.58 9.87 38.03
C ALA A 217 3.27 9.70 38.81
N ALA A 218 3.25 8.69 39.67
CA ALA A 218 2.08 8.41 40.51
C ALA A 218 1.80 9.55 41.48
N GLU A 219 2.85 10.21 41.95
CA GLU A 219 2.71 11.34 42.87
C GLU A 219 2.09 12.55 42.18
N LEU A 220 2.12 12.57 40.85
CA LEU A 220 1.69 13.74 40.10
C LEU A 220 0.22 13.64 39.67
N ALA A 221 -0.38 14.79 39.40
CA ALA A 221 -1.76 14.84 38.95
C ALA A 221 -1.82 14.78 37.43
N ALA A 222 -1.25 13.71 36.87
CA ALA A 222 -1.11 13.60 35.43
C ALA A 222 -1.44 12.21 34.91
N ASP A 223 -2.05 12.15 33.72
CA ASP A 223 -2.18 10.92 32.99
C ASP A 223 -0.79 10.43 32.64
N CYS A 224 -0.48 9.21 33.09
CA CYS A 224 0.82 8.59 32.82
C CYS A 224 0.69 7.43 31.85
N HIS A 225 1.52 7.45 30.83
CA HIS A 225 1.58 6.38 29.86
C HIS A 225 2.84 5.58 30.13
N VAL A 226 2.66 4.32 30.50
CA VAL A 226 3.79 3.44 30.75
C VAL A 226 4.17 2.74 29.46
N ILE A 227 5.42 2.92 29.06
CA ILE A 227 5.89 2.41 27.77
C ILE A 227 6.46 1.02 27.93
N PRO A 228 5.87 0.02 27.26
CA PRO A 228 6.31 -1.37 27.48
C PRO A 228 7.78 -1.61 27.13
N ARG A 229 8.42 -2.49 27.90
CA ARG A 229 9.73 -3.04 27.53
C ARG A 229 10.73 -1.93 27.33
N ALA A 230 10.67 -0.92 28.18
CA ALA A 230 11.58 0.20 28.03
C ALA A 230 12.04 0.72 29.37
N GLY A 231 13.29 1.16 29.40
CA GLY A 231 13.87 1.81 30.56
C GLY A 231 13.59 3.31 30.59
N HIS A 232 14.47 4.06 31.24
CA HIS A 232 14.30 5.48 31.46
C HIS A 232 14.15 6.25 30.14
N ASN A 233 15.04 6.01 29.19
CA ASN A 233 14.91 6.60 27.86
C ASN A 233 14.01 5.68 27.04
N ALA A 234 12.71 5.84 27.24
CA ALA A 234 11.76 4.93 26.64
C ALA A 234 11.62 5.21 25.15
N HIS A 235 11.73 6.47 24.73
CA HIS A 235 11.57 6.76 23.31
C HIS A 235 12.73 6.19 22.51
N ARG A 236 13.91 6.08 23.10
CA ARG A 236 15.02 5.47 22.40
C ARG A 236 14.85 3.96 22.29
N GLU A 237 14.32 3.34 23.35
CA GLU A 237 14.27 1.90 23.41
C GLU A 237 13.01 1.32 22.75
N ASN A 238 11.91 2.07 22.81
CA ASN A 238 10.65 1.66 22.20
C ASN A 238 10.01 2.86 21.51
N PRO A 239 10.62 3.31 20.40
CA PRO A 239 10.07 4.49 19.71
C PRO A 239 8.63 4.28 19.22
N ALA A 240 8.29 3.08 18.77
CA ALA A 240 6.93 2.88 18.29
C ALA A 240 5.91 2.99 19.41
N GLY A 241 6.27 2.52 20.60
CA GLY A 241 5.39 2.67 21.75
C GLY A 241 5.20 4.12 22.16
N VAL A 242 6.27 4.90 22.13
CA VAL A 242 6.15 6.31 22.46
C VAL A 242 5.37 7.08 21.40
N ILE A 243 5.60 6.77 20.13
CA ILE A 243 4.81 7.38 19.05
C ILE A 243 3.32 7.11 19.26
N ALA A 244 2.97 5.88 19.61
CA ALA A 244 1.56 5.55 19.86
C ALA A 244 0.99 6.37 21.03
N SER A 245 1.75 6.49 22.10
CA SER A 245 1.31 7.26 23.27
C SER A 245 1.14 8.74 22.92
N LEU A 246 2.12 9.29 22.21
CA LEU A 246 2.02 10.68 21.77
C LEU A 246 0.81 10.89 20.87
N ALA A 247 0.52 9.93 19.99
CA ALA A 247 -0.61 10.06 19.10
C ALA A 247 -1.92 10.10 19.90
N GLN A 248 -2.00 9.29 20.94
CA GLN A 248 -3.20 9.26 21.77
C GLN A 248 -3.38 10.59 22.49
N ILE A 249 -2.27 11.15 22.96
CA ILE A 249 -2.32 12.41 23.68
C ILE A 249 -2.72 13.58 22.78
N LEU A 250 -2.06 13.66 21.63
CA LEU A 250 -2.14 14.84 20.78
C LEU A 250 -3.39 14.89 19.95
N ARG A 251 -3.90 13.73 19.57
CA ARG A 251 -4.93 13.74 18.56
C ARG A 251 -6.32 13.59 19.17
N PHE A 252 -6.40 13.60 20.50
CA PHE A 252 -7.68 13.47 21.20
C PHE A 252 -7.96 14.67 22.11
N MET B 1 -42.21 -11.48 -15.92
CA MET B 1 -40.91 -12.04 -16.27
C MET B 1 -39.85 -10.95 -16.35
N ILE B 2 -38.73 -11.18 -15.69
CA ILE B 2 -37.56 -10.33 -15.80
C ILE B 2 -36.37 -11.13 -16.31
N LEU B 3 -35.33 -10.43 -16.74
CA LEU B 3 -34.12 -11.12 -17.16
C LEU B 3 -33.34 -11.64 -15.95
N HIS B 4 -32.69 -12.79 -16.10
CA HIS B 4 -31.74 -13.19 -15.09
C HIS B 4 -30.58 -12.19 -15.07
N ALA B 5 -30.11 -11.88 -13.87
CA ALA B 5 -29.01 -10.95 -13.69
C ALA B 5 -28.33 -11.20 -12.36
N GLN B 6 -27.10 -10.69 -12.24
CA GLN B 6 -26.39 -10.66 -10.97
C GLN B 6 -26.16 -9.21 -10.58
N ALA B 7 -26.66 -8.86 -9.39
CA ALA B 7 -26.50 -7.51 -8.87
C ALA B 7 -25.39 -7.45 -7.82
N LYS B 8 -24.63 -6.35 -7.87
CA LYS B 8 -23.65 -6.05 -6.85
C LYS B 8 -23.94 -4.66 -6.35
N HIS B 9 -24.13 -4.50 -5.05
CA HIS B 9 -24.46 -3.18 -4.53
C HIS B 9 -23.22 -2.40 -4.15
N GLY B 10 -23.17 -1.15 -4.61
CA GLY B 10 -22.10 -0.24 -4.25
C GLY B 10 -22.57 0.80 -3.24
N LYS B 11 -22.02 2.00 -3.33
CA LYS B 11 -22.38 3.07 -2.39
C LYS B 11 -23.79 3.54 -2.67
N PRO B 12 -24.63 3.65 -1.62
CA PRO B 12 -25.98 4.09 -1.92
C PRO B 12 -26.00 5.50 -2.52
N GLY B 13 -26.79 5.67 -3.57
CA GLY B 13 -26.92 6.97 -4.20
C GLY B 13 -26.11 7.09 -5.47
N LEU B 14 -25.08 6.26 -5.62
CA LEU B 14 -24.32 6.34 -6.85
C LEU B 14 -25.08 5.61 -7.95
N PRO B 15 -24.82 5.98 -9.21
CA PRO B 15 -25.56 5.30 -10.28
C PRO B 15 -25.28 3.81 -10.36
N TRP B 16 -26.19 3.10 -11.01
CA TRP B 16 -25.91 1.74 -11.43
C TRP B 16 -25.20 1.73 -12.78
N LEU B 17 -24.31 0.76 -12.93
CA LEU B 17 -23.75 0.42 -14.23
C LEU B 17 -24.38 -0.90 -14.65
N VAL B 18 -25.16 -0.85 -15.73
CA VAL B 18 -25.92 -1.99 -16.23
C VAL B 18 -25.22 -2.50 -17.47
N PHE B 19 -24.64 -3.68 -17.34
CA PHE B 19 -23.76 -4.25 -18.37
C PHE B 19 -24.45 -5.30 -19.22
N LEU B 20 -24.31 -5.17 -20.54
CA LEU B 20 -24.92 -6.10 -21.49
C LEU B 20 -23.83 -6.74 -22.35
N HIS B 21 -23.76 -8.06 -22.27
CA HIS B 21 -22.81 -8.89 -23.01
C HIS B 21 -23.19 -8.95 -24.49
N GLY B 22 -22.33 -9.61 -25.27
CA GLY B 22 -22.59 -9.80 -26.69
C GLY B 22 -23.14 -11.17 -27.03
N PHE B 23 -23.31 -11.42 -28.31
CA PHE B 23 -23.90 -12.69 -28.72
C PHE B 23 -23.03 -13.87 -28.29
N SER B 24 -23.71 -14.86 -27.68
CA SER B 24 -23.15 -16.08 -27.06
C SER B 24 -22.47 -15.82 -25.71
N GLY B 25 -22.47 -14.57 -25.26
CA GLY B 25 -21.95 -14.25 -23.94
C GLY B 25 -22.95 -14.55 -22.83
N ASP B 26 -22.58 -14.16 -21.62
CA ASP B 26 -23.49 -14.22 -20.48
C ASP B 26 -23.06 -13.14 -19.51
N CYS B 27 -23.70 -13.14 -18.35
CA CYS B 27 -23.47 -12.06 -17.40
C CYS B 27 -22.06 -11.95 -16.83
N HIS B 28 -21.23 -12.96 -17.05
CA HIS B 28 -19.84 -12.89 -16.61
C HIS B 28 -18.98 -12.02 -17.52
N GLU B 29 -19.47 -11.71 -18.71
CA GLU B 29 -18.65 -11.04 -19.73
C GLU B 29 -17.96 -9.77 -19.21
N TRP B 30 -18.74 -8.91 -18.56
CA TRP B 30 -18.23 -7.61 -18.13
C TRP B 30 -17.70 -7.59 -16.70
N GLN B 31 -17.69 -8.72 -16.01
CA GLN B 31 -17.39 -8.65 -14.57
C GLN B 31 -15.93 -8.30 -14.24
N GLU B 32 -14.98 -8.72 -15.06
CA GLU B 32 -13.60 -8.36 -14.79
C GLU B 32 -13.44 -6.83 -14.81
N VAL B 33 -14.09 -6.16 -15.75
CA VAL B 33 -14.02 -4.72 -15.86
C VAL B 33 -14.94 -4.06 -14.83
N GLY B 34 -16.18 -4.51 -14.74
CA GLY B 34 -17.17 -3.84 -13.91
C GLY B 34 -16.84 -3.84 -12.42
N GLU B 35 -16.19 -4.90 -11.97
CA GLU B 35 -15.91 -5.01 -10.53
C GLU B 35 -14.81 -4.03 -10.11
N ALA B 36 -14.11 -3.44 -11.07
CA ALA B 36 -13.21 -2.33 -10.75
C ALA B 36 -13.97 -1.07 -10.31
N PHE B 37 -15.28 -0.99 -10.62
CA PHE B 37 -16.08 0.15 -10.23
C PHE B 37 -16.88 -0.15 -8.98
N ALA B 38 -16.16 -0.53 -7.92
CA ALA B 38 -16.77 -1.09 -6.73
C ALA B 38 -17.63 -0.09 -5.97
N ASP B 39 -17.43 1.20 -6.24
CA ASP B 39 -18.27 2.22 -5.59
CA ASP B 39 -18.25 2.27 -5.65
C ASP B 39 -19.63 2.38 -6.27
N TYR B 40 -19.73 2.01 -7.54
CA TYR B 40 -21.01 2.03 -8.23
C TYR B 40 -21.77 0.76 -7.89
N SER B 41 -23.07 0.73 -8.14
CA SER B 41 -23.76 -0.56 -8.14
C SER B 41 -23.66 -1.14 -9.56
N ARG B 42 -23.58 -2.47 -9.67
CA ARG B 42 -23.40 -3.14 -10.96
C ARG B 42 -24.52 -4.15 -11.17
N LEU B 43 -25.09 -4.15 -12.37
CA LEU B 43 -26.06 -5.18 -12.74
C LEU B 43 -25.54 -5.87 -13.99
N TYR B 44 -25.23 -7.15 -13.85
CA TYR B 44 -24.73 -7.95 -14.98
C TYR B 44 -25.88 -8.77 -15.53
N VAL B 45 -26.38 -8.38 -16.68
CA VAL B 45 -27.60 -8.95 -17.24
C VAL B 45 -27.35 -10.12 -18.19
N ASP B 46 -28.18 -11.16 -18.12
CA ASP B 46 -28.23 -12.18 -19.18
C ASP B 46 -29.31 -11.82 -20.18
N LEU B 47 -28.89 -11.58 -21.42
CA LEU B 47 -29.86 -11.28 -22.48
C LEU B 47 -30.72 -12.49 -22.80
N PRO B 48 -31.93 -12.28 -23.36
CA PRO B 48 -32.76 -13.41 -23.81
C PRO B 48 -31.93 -14.42 -24.60
N GLY B 49 -32.16 -15.69 -24.30
CA GLY B 49 -31.50 -16.78 -25.00
C GLY B 49 -30.12 -17.11 -24.48
N HIS B 50 -29.65 -16.34 -23.50
CA HIS B 50 -28.28 -16.42 -23.00
C HIS B 50 -28.26 -16.65 -21.50
N GLY B 51 -27.22 -17.35 -21.02
CA GLY B 51 -27.08 -17.55 -19.59
C GLY B 51 -28.36 -18.07 -18.94
N GLY B 52 -28.70 -17.48 -17.79
CA GLY B 52 -29.90 -17.86 -17.03
C GLY B 52 -31.18 -17.33 -17.65
N SER B 53 -31.05 -16.52 -18.70
CA SER B 53 -32.21 -16.05 -19.46
C SER B 53 -32.47 -16.87 -20.70
N ALA B 54 -31.88 -18.07 -20.78
CA ALA B 54 -32.03 -18.90 -21.98
C ALA B 54 -33.49 -19.09 -22.40
N ALA B 55 -34.38 -19.30 -21.42
CA ALA B 55 -35.75 -19.67 -21.71
C ALA B 55 -36.64 -18.49 -22.01
N ILE B 56 -36.08 -17.29 -21.93
CA ILE B 56 -36.85 -16.08 -22.25
C ILE B 56 -36.75 -15.84 -23.73
N SER B 57 -37.86 -16.01 -24.45
CA SER B 57 -37.79 -15.79 -25.88
C SER B 57 -38.37 -14.41 -26.21
N VAL B 58 -37.86 -13.83 -27.30
CA VAL B 58 -38.30 -12.51 -27.72
C VAL B 58 -38.56 -12.55 -29.22
N ASP B 59 -39.44 -11.66 -29.69
CA ASP B 59 -39.74 -11.56 -31.11
C ASP B 59 -38.86 -10.51 -31.80
N GLY B 60 -38.23 -9.67 -31.01
CA GLY B 60 -37.49 -8.54 -31.56
C GLY B 60 -37.02 -7.59 -30.47
N PHE B 61 -36.51 -6.44 -30.88
CA PHE B 61 -35.99 -5.48 -29.93
C PHE B 61 -37.04 -4.89 -29.00
N ASP B 62 -38.28 -4.72 -29.45
CA ASP B 62 -39.33 -4.18 -28.57
C ASP B 62 -39.45 -5.04 -27.32
N ASP B 63 -39.45 -6.36 -27.50
CA ASP B 63 -39.57 -7.28 -26.36
C ASP B 63 -38.35 -7.19 -25.46
N VAL B 64 -37.16 -7.04 -26.04
CA VAL B 64 -35.94 -6.95 -25.25
C VAL B 64 -35.94 -5.68 -24.41
N THR B 65 -36.32 -4.56 -25.03
CA THR B 65 -36.39 -3.32 -24.28
C THR B 65 -37.39 -3.40 -23.12
N ASP B 66 -38.54 -4.01 -23.38
CA ASP B 66 -39.55 -4.18 -22.35
C ASP B 66 -39.00 -5.03 -21.21
N LEU B 67 -38.31 -6.10 -21.53
CA LEU B 67 -37.70 -6.94 -20.51
C LEU B 67 -36.63 -6.21 -19.73
N LEU B 68 -35.82 -5.42 -20.41
CA LEU B 68 -34.83 -4.59 -19.71
C LEU B 68 -35.51 -3.60 -18.74
N ARG B 69 -36.56 -2.92 -19.20
CA ARG B 69 -37.30 -2.00 -18.34
C ARG B 69 -37.78 -2.68 -17.07
N LYS B 70 -38.42 -3.83 -17.23
CA LYS B 70 -38.98 -4.56 -16.09
C LYS B 70 -37.89 -5.03 -15.15
N THR B 71 -36.74 -5.43 -15.71
CA THR B 71 -35.64 -5.88 -14.89
C THR B 71 -35.11 -4.72 -14.04
N LEU B 72 -34.94 -3.56 -14.66
CA LEU B 72 -34.47 -2.38 -13.92
C LEU B 72 -35.42 -2.02 -12.78
N VAL B 73 -36.73 -2.04 -13.02
CA VAL B 73 -37.68 -1.76 -11.97
C VAL B 73 -37.60 -2.77 -10.84
N SER B 74 -37.45 -4.05 -11.19
CA SER B 74 -37.39 -5.10 -10.19
C SER B 74 -36.20 -4.93 -9.25
N TYR B 75 -35.07 -4.42 -9.77
CA TYR B 75 -33.90 -4.19 -8.94
C TYR B 75 -33.88 -2.78 -8.30
N ASN B 76 -34.98 -2.05 -8.47
CA ASN B 76 -35.10 -0.68 -7.92
C ASN B 76 -34.02 0.28 -8.42
N ILE B 77 -33.69 0.17 -9.70
CA ILE B 77 -32.67 0.98 -10.33
C ILE B 77 -33.28 2.26 -10.92
N LEU B 78 -32.88 3.41 -10.40
CA LEU B 78 -33.48 4.69 -10.77
C LEU B 78 -32.61 5.64 -11.62
N ASP B 79 -31.32 5.39 -11.60
CA ASP B 79 -30.31 6.28 -12.15
C ASP B 79 -29.22 5.33 -12.64
N PHE B 80 -28.97 5.25 -13.95
CA PHE B 80 -28.05 4.21 -14.43
C PHE B 80 -27.42 4.52 -15.77
N TRP B 81 -26.27 3.89 -15.98
CA TRP B 81 -25.61 3.84 -17.28
C TRP B 81 -25.84 2.49 -17.89
N LEU B 82 -26.00 2.43 -19.21
CA LEU B 82 -26.07 1.17 -19.93
C LEU B 82 -24.76 0.99 -20.69
N VAL B 83 -24.07 -0.13 -20.47
CA VAL B 83 -22.78 -0.40 -21.05
C VAL B 83 -22.91 -1.70 -21.83
N GLY B 84 -22.75 -1.67 -23.15
CA GLY B 84 -23.02 -2.85 -23.97
C GLY B 84 -21.92 -3.15 -24.95
N TYR B 85 -21.60 -4.42 -25.06
CA TYR B 85 -20.62 -4.95 -26.02
C TYR B 85 -21.33 -5.65 -27.18
N SER B 86 -21.04 -5.21 -28.40
CA SER B 86 -21.41 -5.87 -29.64
C SER B 86 -22.96 -6.01 -29.69
N LEU B 87 -23.54 -7.21 -29.74
CA LEU B 87 -25.00 -7.30 -29.68
C LEU B 87 -25.57 -6.53 -28.48
N GLY B 88 -24.90 -6.61 -27.34
CA GLY B 88 -25.32 -5.87 -26.16
C GLY B 88 -25.29 -4.37 -26.36
N GLY B 89 -24.31 -3.90 -27.16
CA GLY B 89 -24.27 -2.49 -27.59
C GLY B 89 -25.47 -2.12 -28.44
N ARG B 90 -25.86 -3.02 -29.35
CA ARG B 90 -27.03 -2.74 -30.17
C ARG B 90 -28.31 -2.75 -29.36
N VAL B 91 -28.45 -3.70 -28.44
CA VAL B 91 -29.56 -3.70 -27.49
C VAL B 91 -29.59 -2.39 -26.70
N ALA B 92 -28.43 -1.93 -26.24
CA ALA B 92 -28.36 -0.69 -25.47
C ALA B 92 -28.82 0.51 -26.28
N MET B 93 -28.34 0.60 -27.53
CA MET B 93 -28.73 1.72 -28.37
C MET B 93 -30.20 1.68 -28.70
N MET B 94 -30.72 0.51 -29.04
CA MET B 94 -32.15 0.40 -29.28
C MET B 94 -32.99 0.78 -28.06
N ALA B 95 -32.65 0.28 -26.89
CA ALA B 95 -33.41 0.60 -25.69
C ALA B 95 -33.32 2.07 -25.34
N ALA B 96 -32.12 2.66 -25.44
CA ALA B 96 -31.93 4.06 -25.10
C ALA B 96 -32.74 4.93 -26.04
N CYS B 97 -32.74 4.58 -27.33
CA CYS B 97 -33.50 5.38 -28.27
C CYS B 97 -35.02 5.20 -28.13
N GLN B 98 -35.47 4.01 -27.73
CA GLN B 98 -36.91 3.82 -27.49
C GLN B 98 -37.33 4.52 -26.19
N GLY B 99 -36.42 4.61 -25.23
CA GLY B 99 -36.67 5.36 -24.01
C GLY B 99 -36.64 4.47 -22.76
N LEU B 100 -35.70 4.77 -21.87
CA LEU B 100 -35.58 4.07 -20.60
C LEU B 100 -35.51 5.07 -19.44
N ALA B 101 -36.51 5.07 -18.57
CA ALA B 101 -36.53 6.02 -17.46
C ALA B 101 -35.33 5.87 -16.55
N GLY B 102 -34.64 6.97 -16.30
CA GLY B 102 -33.48 6.98 -15.42
C GLY B 102 -32.14 6.80 -16.12
N LEU B 103 -32.14 6.56 -17.44
CA LEU B 103 -30.90 6.40 -18.18
C LEU B 103 -30.10 7.69 -18.23
N CYS B 104 -28.85 7.67 -17.78
CA CYS B 104 -28.09 8.92 -17.86
C CYS B 104 -27.04 8.87 -18.95
N GLY B 105 -26.67 7.69 -19.42
CA GLY B 105 -25.70 7.60 -20.49
C GLY B 105 -25.58 6.19 -21.00
N VAL B 106 -25.05 6.08 -22.22
CA VAL B 106 -24.86 4.83 -22.92
C VAL B 106 -23.41 4.74 -23.36
N ILE B 107 -22.78 3.59 -23.10
CA ILE B 107 -21.42 3.34 -23.53
C ILE B 107 -21.48 2.09 -24.36
N VAL B 108 -21.06 2.19 -25.62
CA VAL B 108 -21.16 1.09 -26.55
C VAL B 108 -19.79 0.69 -27.04
N GLU B 109 -19.49 -0.59 -26.96
CA GLU B 109 -18.24 -1.17 -27.43
C GLU B 109 -18.53 -2.02 -28.65
N GLY B 110 -18.14 -1.56 -29.83
CA GLY B 110 -18.29 -2.38 -31.02
C GLY B 110 -19.72 -2.70 -31.36
N GLY B 111 -20.67 -1.80 -31.06
CA GLY B 111 -22.05 -2.00 -31.46
C GLY B 111 -22.37 -1.31 -32.77
N HIS B 112 -23.02 -2.02 -33.68
CA HIS B 112 -23.33 -1.48 -35.01
C HIS B 112 -24.59 -0.60 -34.93
N PRO B 113 -24.49 0.66 -35.40
CA PRO B 113 -25.64 1.57 -35.34
C PRO B 113 -26.73 1.24 -36.35
N GLY B 114 -26.45 0.38 -37.33
CA GLY B 114 -27.48 -0.06 -38.26
C GLY B 114 -27.03 -0.06 -39.70
N LEU B 115 -27.60 -0.96 -40.49
CA LEU B 115 -27.33 -1.03 -41.92
C LEU B 115 -28.13 0.07 -42.64
N GLN B 116 -27.80 0.32 -43.91
CA GLN B 116 -28.34 1.51 -44.57
C GLN B 116 -29.01 1.23 -45.90
N ASN B 117 -29.16 -0.03 -46.28
CA ASN B 117 -30.00 -0.36 -47.43
C ASN B 117 -30.45 -1.80 -47.46
N ALA B 118 -31.35 -2.12 -48.38
CA ALA B 118 -31.97 -3.43 -48.46
C ALA B 118 -30.98 -4.55 -48.81
N GLU B 119 -29.98 -4.24 -49.63
CA GLU B 119 -29.02 -5.26 -50.04
C GLU B 119 -28.18 -5.74 -48.86
N GLN B 120 -27.75 -4.79 -48.03
CA GLN B 120 -27.00 -5.11 -46.84
C GLN B 120 -27.86 -5.88 -45.86
N ARG B 121 -29.12 -5.49 -45.70
CA ARG B 121 -29.99 -6.18 -44.77
C ARG B 121 -30.22 -7.60 -45.26
N ALA B 122 -30.41 -7.76 -46.58
CA ALA B 122 -30.62 -9.08 -47.14
C ALA B 122 -29.43 -9.99 -46.92
N GLU B 123 -28.23 -9.44 -47.11
CA GLU B 123 -27.02 -10.23 -46.94
C GLU B 123 -26.91 -10.71 -45.49
N ARG B 124 -27.19 -9.81 -44.54
CA ARG B 124 -27.10 -10.16 -43.14
C ARG B 124 -28.21 -11.13 -42.74
N GLN B 125 -29.40 -10.95 -43.30
CA GLN B 125 -30.49 -11.86 -43.00
C GLN B 125 -30.15 -13.28 -43.44
N ARG B 126 -29.58 -13.40 -44.64
CA ARG B 126 -29.21 -14.70 -45.17
C ARG B 126 -28.07 -15.31 -44.34
N SER B 127 -27.09 -14.50 -43.98
CA SER B 127 -25.95 -14.99 -43.20
CA SER B 127 -25.96 -15.05 -43.23
C SER B 127 -26.40 -15.46 -41.82
N ASP B 128 -27.22 -14.65 -41.17
CA ASP B 128 -27.70 -15.02 -39.85
C ASP B 128 -28.58 -16.27 -39.94
N ARG B 129 -29.34 -16.42 -41.02
CA ARG B 129 -30.14 -17.61 -41.23
C ARG B 129 -29.24 -18.85 -41.29
N GLN B 130 -28.10 -18.73 -41.95
CA GLN B 130 -27.16 -19.86 -42.02
C GLN B 130 -26.58 -20.17 -40.65
N TRP B 131 -26.18 -19.14 -39.89
CA TRP B 131 -25.70 -19.40 -38.54
C TRP B 131 -26.79 -20.05 -37.67
N VAL B 132 -28.04 -19.59 -37.81
CA VAL B 132 -29.15 -20.18 -37.05
C VAL B 132 -29.21 -21.68 -37.30
N GLN B 133 -29.14 -22.08 -38.57
CA GLN B 133 -29.20 -23.50 -38.86
CA GLN B 133 -29.18 -23.51 -38.89
C GLN B 133 -28.02 -24.27 -38.26
N ARG B 134 -26.83 -23.65 -38.23
CA ARG B 134 -25.67 -24.31 -37.62
C ARG B 134 -25.86 -24.46 -36.10
N PHE B 135 -26.34 -23.41 -35.44
CA PHE B 135 -26.58 -23.49 -34.00
C PHE B 135 -27.66 -24.51 -33.66
N LEU B 136 -28.56 -24.80 -34.59
CA LEU B 136 -29.61 -25.80 -34.35
C LEU B 136 -29.19 -27.23 -34.64
N THR B 137 -28.05 -27.43 -35.30
CA THR B 137 -27.74 -28.75 -35.83
C THR B 137 -26.34 -29.29 -35.57
N GLU B 138 -25.40 -28.44 -35.14
CA GLU B 138 -23.99 -28.86 -35.12
C GLU B 138 -23.40 -28.79 -33.71
N PRO B 139 -22.28 -29.51 -33.50
CA PRO B 139 -21.59 -29.37 -32.21
C PRO B 139 -21.16 -27.91 -32.02
N LEU B 140 -21.39 -27.34 -30.85
CA LEU B 140 -21.10 -25.92 -30.68
C LEU B 140 -19.60 -25.65 -30.74
N THR B 141 -18.77 -26.61 -30.39
CA THR B 141 -17.33 -26.38 -30.54
C THR B 141 -16.98 -26.23 -32.02
N ALA B 142 -17.68 -26.90 -32.92
CA ALA B 142 -17.42 -26.71 -34.35
C ALA B 142 -17.99 -25.38 -34.84
N VAL B 143 -19.18 -25.02 -34.40
CA VAL B 143 -19.77 -23.76 -34.84
C VAL B 143 -18.92 -22.60 -34.34
N PHE B 144 -18.51 -22.62 -33.07
CA PHE B 144 -17.74 -21.49 -32.55
C PHE B 144 -16.31 -21.44 -33.12
N ALA B 145 -15.75 -22.56 -33.56
CA ALA B 145 -14.43 -22.51 -34.21
C ALA B 145 -14.52 -21.69 -35.47
N ASP B 146 -15.66 -21.75 -36.17
CA ASP B 146 -15.84 -20.89 -37.34
C ASP B 146 -16.31 -19.49 -36.95
N TRP B 147 -17.14 -19.41 -35.92
CA TRP B 147 -17.61 -18.10 -35.46
C TRP B 147 -16.43 -17.16 -35.21
N TYR B 148 -15.41 -17.67 -34.54
CA TYR B 148 -14.25 -16.84 -34.18
C TYR B 148 -13.22 -16.70 -35.29
N GLN B 149 -13.55 -17.16 -36.50
CA GLN B 149 -12.75 -16.85 -37.69
C GLN B 149 -13.48 -15.88 -38.64
N GLN B 150 -14.62 -15.34 -38.20
CA GLN B 150 -15.26 -14.27 -38.98
C GLN B 150 -14.34 -13.05 -39.04
N PRO B 151 -14.50 -12.19 -40.05
CA PRO B 151 -13.60 -11.04 -40.17
C PRO B 151 -13.47 -10.17 -38.91
N VAL B 152 -14.56 -9.97 -38.15
CA VAL B 152 -14.47 -9.13 -36.99
C VAL B 152 -13.56 -9.74 -35.91
N PHE B 153 -13.27 -11.04 -36.04
CA PHE B 153 -12.36 -11.74 -35.13
C PHE B 153 -11.06 -12.20 -35.79
N ALA B 154 -10.75 -11.66 -36.97
CA ALA B 154 -9.51 -11.99 -37.64
C ALA B 154 -8.31 -11.67 -36.79
N SER B 155 -8.42 -10.65 -35.95
CA SER B 155 -7.29 -10.19 -35.18
C SER B 155 -6.85 -11.15 -34.08
N LEU B 156 -7.72 -12.08 -33.69
CA LEU B 156 -7.39 -13.05 -32.65
C LEU B 156 -6.27 -13.97 -33.06
N ASN B 157 -5.52 -14.46 -32.08
CA ASN B 157 -4.57 -15.53 -32.35
C ASN B 157 -5.23 -16.86 -31.98
N ASP B 158 -4.54 -17.96 -32.30
CA ASP B 158 -5.20 -19.24 -32.17
C ASP B 158 -5.40 -19.67 -30.71
N ASP B 159 -4.53 -19.22 -29.80
CA ASP B 159 -4.74 -19.51 -28.38
C ASP B 159 -6.00 -18.80 -27.89
N GLN B 160 -6.16 -17.55 -28.30
CA GLN B 160 -7.35 -16.80 -27.91
C GLN B 160 -8.60 -17.44 -28.46
N ARG B 161 -8.57 -17.90 -29.71
CA ARG B 161 -9.75 -18.56 -30.28
C ARG B 161 -10.07 -19.85 -29.55
N ARG B 162 -9.06 -20.67 -29.24
CA ARG B 162 -9.33 -21.93 -28.53
C ARG B 162 -10.01 -21.67 -27.19
N GLU B 163 -9.56 -20.66 -26.49
CA GLU B 163 -10.13 -20.33 -25.19
C GLU B 163 -11.58 -19.85 -25.37
N LEU B 164 -11.83 -19.03 -26.37
CA LEU B 164 -13.20 -18.55 -26.61
C LEU B 164 -14.14 -19.66 -27.05
N VAL B 165 -13.67 -20.58 -27.89
CA VAL B 165 -14.52 -21.69 -28.31
C VAL B 165 -14.93 -22.50 -27.09
N ALA B 166 -13.98 -22.77 -26.19
CA ALA B 166 -14.30 -23.56 -25.02
C ALA B 166 -15.30 -22.82 -24.15
N LEU B 167 -15.14 -21.52 -24.02
CA LEU B 167 -16.05 -20.73 -23.21
C LEU B 167 -17.45 -20.69 -23.79
N ARG B 168 -17.57 -20.30 -25.06
CA ARG B 168 -18.91 -20.08 -25.64
C ARG B 168 -19.63 -21.40 -25.88
N SER B 169 -18.93 -22.53 -25.89
CA SER B 169 -19.62 -23.78 -26.16
CA SER B 169 -19.56 -23.84 -26.11
C SER B 169 -20.50 -24.18 -24.97
N ASN B 170 -20.40 -23.48 -23.85
CA ASN B 170 -21.41 -23.60 -22.77
C ASN B 170 -22.58 -22.65 -23.09
N ASN B 171 -23.58 -23.18 -23.79
CA ASN B 171 -24.67 -22.41 -24.34
C ASN B 171 -25.71 -23.35 -24.88
N ASN B 172 -26.94 -22.84 -25.01
CA ASN B 172 -28.00 -23.63 -25.62
C ASN B 172 -28.13 -23.23 -27.08
N GLY B 173 -27.79 -24.14 -27.98
CA GLY B 173 -27.83 -23.78 -29.39
C GLY B 173 -29.17 -23.30 -29.91
N ALA B 174 -30.24 -23.93 -29.42
CA ALA B 174 -31.59 -23.53 -29.84
C ALA B 174 -31.93 -22.11 -29.41
N THR B 175 -31.62 -21.76 -28.16
CA THR B 175 -32.01 -20.43 -27.69
C THR B 175 -31.06 -19.36 -28.22
N LEU B 176 -29.78 -19.69 -28.44
CA LEU B 176 -28.91 -18.77 -29.18
C LEU B 176 -29.46 -18.51 -30.57
N ALA B 177 -29.88 -19.57 -31.25
CA ALA B 177 -30.42 -19.42 -32.61
C ALA B 177 -31.64 -18.51 -32.63
N ALA B 178 -32.54 -18.70 -31.67
CA ALA B 178 -33.75 -17.87 -31.61
C ALA B 178 -33.41 -16.41 -31.36
N MET B 179 -32.48 -16.14 -30.45
CA MET B 179 -32.09 -14.75 -30.20
C MET B 179 -31.33 -14.12 -31.38
N LEU B 180 -30.49 -14.91 -32.05
CA LEU B 180 -29.73 -14.41 -33.19
C LEU B 180 -30.67 -13.86 -34.24
N GLU B 181 -31.70 -14.63 -34.57
CA GLU B 181 -32.71 -14.19 -35.52
C GLU B 181 -33.49 -12.98 -35.03
N ALA B 182 -33.93 -13.03 -33.77
CA ALA B 182 -34.84 -12.00 -33.24
C ALA B 182 -34.20 -10.63 -33.23
N THR B 183 -32.91 -10.55 -32.92
CA THR B 183 -32.24 -9.26 -32.81
C THR B 183 -31.17 -9.08 -33.88
N SER B 184 -31.31 -9.83 -34.96
CA SER B 184 -30.40 -9.71 -36.09
C SER B 184 -30.21 -8.26 -36.52
N LEU B 185 -28.98 -7.90 -36.87
CA LEU B 185 -28.73 -6.58 -37.44
C LEU B 185 -29.65 -6.35 -38.66
N ALA B 186 -30.08 -7.40 -39.35
CA ALA B 186 -30.97 -7.23 -40.51
C ALA B 186 -32.29 -6.55 -40.18
N VAL B 187 -32.75 -6.65 -38.94
CA VAL B 187 -34.05 -6.05 -38.57
C VAL B 187 -33.89 -4.79 -37.74
N GLN B 188 -32.67 -4.33 -37.52
CA GLN B 188 -32.46 -3.13 -36.70
C GLN B 188 -32.57 -1.87 -37.54
N PRO B 189 -33.26 -0.84 -37.04
CA PRO B 189 -33.26 0.45 -37.73
C PRO B 189 -31.88 1.07 -37.81
N ASP B 190 -31.70 1.96 -38.77
CA ASP B 190 -30.51 2.80 -38.79
C ASP B 190 -30.66 3.88 -37.73
N LEU B 191 -29.90 3.77 -36.65
CA LEU B 191 -30.01 4.66 -35.50
C LEU B 191 -29.15 5.93 -35.57
N ARG B 192 -28.48 6.15 -36.70
CA ARG B 192 -27.57 7.31 -36.76
C ARG B 192 -28.27 8.63 -36.47
N ALA B 193 -29.43 8.86 -37.08
CA ALA B 193 -30.10 10.12 -36.87
C ALA B 193 -30.58 10.25 -35.44
N ASN B 194 -31.14 9.19 -34.89
CA ASN B 194 -31.60 9.22 -33.52
C ASN B 194 -30.45 9.48 -32.54
N LEU B 195 -29.34 8.77 -32.73
CA LEU B 195 -28.15 8.98 -31.91
C LEU B 195 -27.62 10.42 -32.01
N SER B 196 -27.67 11.00 -33.20
CA SER B 196 -27.24 12.39 -33.39
C SER B 196 -28.04 13.35 -32.52
N ALA B 197 -29.29 13.00 -32.24
CA ALA B 197 -30.20 13.90 -31.53
C ALA B 197 -30.43 13.48 -30.08
N ARG B 198 -29.47 12.77 -29.51
CA ARG B 198 -29.67 12.11 -28.22
C ARG B 198 -29.86 13.05 -27.04
N THR B 199 -30.76 12.66 -26.14
CA THR B 199 -30.91 13.35 -24.85
C THR B 199 -29.85 12.84 -23.88
N PHE B 200 -29.50 11.57 -24.03
CA PHE B 200 -28.57 10.90 -23.14
C PHE B 200 -27.15 11.07 -23.64
N ALA B 201 -26.20 11.03 -22.72
CA ALA B 201 -24.80 10.97 -23.08
C ALA B 201 -24.52 9.65 -23.83
N PHE B 202 -23.65 9.72 -24.84
CA PHE B 202 -23.34 8.56 -25.68
C PHE B 202 -21.85 8.53 -25.94
N TYR B 203 -21.23 7.41 -25.60
CA TYR B 203 -19.80 7.19 -25.78
C TYR B 203 -19.54 5.88 -26.48
N TYR B 204 -18.47 5.85 -27.24
CA TYR B 204 -18.14 4.68 -28.04
C TYR B 204 -16.75 4.20 -27.68
N LEU B 205 -16.60 2.89 -27.52
CA LEU B 205 -15.32 2.22 -27.30
C LEU B 205 -15.06 1.29 -28.46
N CYS B 206 -13.83 1.24 -28.93
CA CYS B 206 -13.49 0.24 -29.93
CA CYS B 206 -13.46 0.37 -30.04
C CYS B 206 -12.04 -0.13 -29.86
N GLY B 207 -11.77 -1.39 -30.14
CA GLY B 207 -10.39 -1.85 -30.13
C GLY B 207 -9.59 -1.22 -31.26
N GLU B 208 -8.32 -0.94 -31.00
CA GLU B 208 -7.42 -0.39 -32.02
C GLU B 208 -7.39 -1.24 -33.29
N ARG B 209 -7.45 -2.55 -33.10
CA ARG B 209 -7.32 -3.48 -34.22
CA ARG B 209 -7.33 -3.51 -34.20
C ARG B 209 -8.65 -3.85 -34.87
N ASP B 210 -9.74 -3.24 -34.40
CA ASP B 210 -11.08 -3.53 -34.94
C ASP B 210 -11.38 -2.56 -36.08
N SER B 211 -10.92 -2.90 -37.28
CA SER B 211 -11.00 -1.96 -38.40
C SER B 211 -12.45 -1.58 -38.75
N LYS B 212 -13.35 -2.55 -38.74
CA LYS B 212 -14.73 -2.29 -39.12
C LYS B 212 -15.39 -1.28 -38.17
N PHE B 213 -15.17 -1.45 -36.88
CA PHE B 213 -15.91 -0.59 -35.95
C PHE B 213 -15.20 0.71 -35.66
N ARG B 214 -13.92 0.81 -35.99
CA ARG B 214 -13.30 2.12 -35.90
C ARG B 214 -13.90 3.03 -36.95
N ALA B 215 -14.13 2.49 -38.14
CA ALA B 215 -14.77 3.27 -39.18
C ALA B 215 -16.19 3.70 -38.77
N LEU B 216 -16.97 2.78 -38.19
CA LEU B 216 -18.33 3.12 -37.82
C LEU B 216 -18.42 4.18 -36.75
N ALA B 217 -17.52 4.09 -35.76
CA ALA B 217 -17.48 5.06 -34.67
C ALA B 217 -17.28 6.48 -35.24
N ALA B 218 -16.48 6.57 -36.30
CA ALA B 218 -16.20 7.86 -36.93
C ALA B 218 -17.45 8.47 -37.58
N GLU B 219 -18.35 7.62 -38.06
CA GLU B 219 -19.61 8.08 -38.66
C GLU B 219 -20.56 8.65 -37.61
N LEU B 220 -20.32 8.30 -36.35
CA LEU B 220 -21.21 8.68 -35.27
C LEU B 220 -20.72 9.98 -34.62
N ALA B 221 -19.43 10.26 -34.80
CA ALA B 221 -18.79 11.46 -34.28
C ALA B 221 -18.97 11.66 -32.78
N ALA B 222 -19.42 10.61 -32.10
CA ALA B 222 -19.50 10.63 -30.65
C ALA B 222 -18.10 10.49 -30.08
N ASP B 223 -17.95 10.77 -28.80
N ASP B 223 -17.93 10.80 -28.80
CA ASP B 223 -16.68 10.57 -28.10
CA ASP B 223 -16.65 10.59 -28.14
C ASP B 223 -16.27 9.10 -28.23
C ASP B 223 -16.27 9.13 -28.24
N CYS B 224 -15.24 8.85 -29.04
CA CYS B 224 -14.74 7.48 -29.21
C CYS B 224 -13.39 7.29 -28.52
N HIS B 225 -13.32 6.23 -27.73
CA HIS B 225 -12.10 5.84 -27.07
C HIS B 225 -11.57 4.58 -27.77
N VAL B 226 -10.39 4.71 -28.36
CA VAL B 226 -9.73 3.60 -29.03
C VAL B 226 -8.86 2.88 -28.00
N ILE B 227 -9.13 1.59 -27.82
CA ILE B 227 -8.45 0.79 -26.80
C ILE B 227 -7.20 0.14 -27.38
N PRO B 228 -6.02 0.49 -26.88
CA PRO B 228 -4.77 -0.03 -27.45
C PRO B 228 -4.67 -1.56 -27.48
N ARG B 229 -4.07 -2.10 -28.54
CA ARG B 229 -3.64 -3.49 -28.54
C ARG B 229 -4.81 -4.42 -28.34
N ALA B 230 -5.96 -4.07 -28.89
CA ALA B 230 -7.14 -4.88 -28.68
C ALA B 230 -7.98 -5.00 -29.93
N GLY B 231 -8.61 -6.16 -30.08
CA GLY B 231 -9.54 -6.36 -31.19
C GLY B 231 -10.97 -5.96 -30.81
N HIS B 232 -11.93 -6.63 -31.45
CA HIS B 232 -13.34 -6.26 -31.31
C HIS B 232 -13.80 -6.33 -29.85
N ASN B 233 -13.51 -7.44 -29.17
CA ASN B 233 -13.79 -7.53 -27.75
C ASN B 233 -12.63 -6.93 -26.98
N ALA B 234 -12.64 -5.60 -26.88
CA ALA B 234 -11.50 -4.90 -26.32
C ALA B 234 -11.46 -5.07 -24.80
N HIS B 235 -12.61 -5.15 -24.14
CA HIS B 235 -12.60 -5.28 -22.68
C HIS B 235 -12.05 -6.66 -22.27
N ARG B 236 -12.19 -7.67 -23.11
CA ARG B 236 -11.65 -8.98 -22.78
C ARG B 236 -10.13 -8.99 -22.98
N GLU B 237 -9.68 -8.30 -24.03
CA GLU B 237 -8.28 -8.36 -24.40
C GLU B 237 -7.40 -7.34 -23.65
N ASN B 238 -7.99 -6.19 -23.33
CA ASN B 238 -7.30 -5.12 -22.59
C ASN B 238 -8.24 -4.56 -21.54
N PRO B 239 -8.54 -5.35 -20.51
CA PRO B 239 -9.47 -4.86 -19.49
C PRO B 239 -8.96 -3.60 -18.77
N ALA B 240 -7.65 -3.47 -18.55
CA ALA B 240 -7.17 -2.29 -17.84
C ALA B 240 -7.36 -1.04 -18.70
N GLY B 241 -7.20 -1.16 -20.02
CA GLY B 241 -7.44 -0.04 -20.91
C GLY B 241 -8.89 0.38 -20.92
N VAL B 242 -9.80 -0.60 -20.92
CA VAL B 242 -11.22 -0.28 -20.91
C VAL B 242 -11.64 0.32 -19.56
N ILE B 243 -11.11 -0.22 -18.47
CA ILE B 243 -11.37 0.35 -17.15
C ILE B 243 -10.97 1.82 -17.11
N ALA B 244 -9.79 2.13 -17.67
CA ALA B 244 -9.34 3.52 -17.71
C ALA B 244 -10.27 4.43 -18.54
N SER B 245 -10.71 3.93 -19.69
CA SER B 245 -11.60 4.72 -20.54
C SER B 245 -12.94 4.92 -19.86
N LEU B 246 -13.49 3.87 -19.25
CA LEU B 246 -14.73 3.99 -18.50
C LEU B 246 -14.60 5.00 -17.35
N ALA B 247 -13.46 4.99 -16.67
CA ALA B 247 -13.26 5.90 -15.55
C ALA B 247 -13.27 7.35 -16.03
N GLN B 248 -12.65 7.60 -17.18
CA GLN B 248 -12.63 8.94 -17.76
C GLN B 248 -14.03 9.41 -18.13
N ILE B 249 -14.82 8.50 -18.67
CA ILE B 249 -16.19 8.81 -19.06
C ILE B 249 -17.09 9.08 -17.85
N LEU B 250 -17.04 8.18 -16.87
CA LEU B 250 -18.00 8.19 -15.77
C LEU B 250 -17.71 9.24 -14.73
N ARG B 251 -16.44 9.52 -14.52
CA ARG B 251 -16.07 10.31 -13.36
C ARG B 251 -15.82 11.76 -13.71
N PHE B 252 -16.24 12.17 -14.91
CA PHE B 252 -16.11 13.57 -15.30
C PHE B 252 -17.38 14.13 -15.93
N ILE C 2 -15.69 -15.32 7.14
N ILE C 2 15.87 15.58 -7.09
CA ILE C 2 -14.81 -14.15 7.02
CA ILE C 2 14.68 14.80 -6.81
C ILE C 2 -13.45 -14.42 7.64
C ILE C 2 14.61 13.55 -7.70
N LEU C 3 -12.46 -13.61 7.27
N LEU C 3 13.76 12.61 -7.33
CA LEU C 3 -11.12 -13.73 7.84
CA LEU C 3 13.56 11.41 -8.15
C LEU C 3 -11.11 -13.31 9.30
C LEU C 3 12.86 11.76 -9.45
N HIS C 4 -10.33 -14.01 10.13
N HIS C 4 13.25 11.09 -10.53
CA HIS C 4 -10.19 -13.60 11.52
CA HIS C 4 12.55 11.28 -11.80
C HIS C 4 -9.37 -12.32 11.59
C HIS C 4 11.18 10.64 -11.70
N ALA C 5 -9.73 -11.44 12.52
N ALA C 5 10.18 11.27 -12.29
CA ALA C 5 -9.07 -10.14 12.61
CA ALA C 5 8.81 10.79 -12.19
C ALA C 5 -9.17 -9.54 14.01
C ALA C 5 7.94 11.27 -13.34
N GLN C 6 -8.40 -8.48 14.24
N GLN C 6 6.83 10.57 -13.56
CA GLN C 6 -8.49 -7.69 15.46
CA GLN C 6 5.82 10.97 -14.53
C GLN C 6 -8.77 -6.24 15.12
C GLN C 6 4.53 11.30 -13.80
N ALA C 7 -9.84 -5.70 15.66
N ALA C 7 4.03 12.52 -14.01
CA ALA C 7 -10.28 -4.35 15.32
CA ALA C 7 2.85 12.99 -13.27
C ALA C 7 -9.96 -3.36 16.43
C ALA C 7 1.62 13.07 -14.14
N LYS C 8 -9.56 -2.16 16.02
N LYS C 8 0.49 12.67 -13.58
CA LYS C 8 -9.34 -1.05 16.94
CA LYS C 8 -0.81 12.80 -14.22
C LYS C 8 -10.09 0.15 16.39
C LYS C 8 -1.74 13.53 -13.26
N HIS C 9 -10.93 0.78 17.21
N HIS C 9 -2.37 14.59 -13.73
CA HIS C 9 -11.78 1.86 16.73
CA HIS C 9 -3.21 15.40 -12.85
C HIS C 9 -11.20 3.22 17.03
C HIS C 9 -4.69 15.01 -12.97
N GLY C 10 -11.14 4.07 16.01
N GLY C 10 -5.33 14.83 -11.82
CA GLY C 10 -10.62 5.42 16.14
CA GLY C 10 -6.74 14.48 -11.79
C GLY C 10 -11.70 6.46 15.96
C GLY C 10 -7.58 15.60 -11.21
N LYS C 11 -11.33 7.61 15.41
N LYS C 11 -8.62 15.22 -10.47
CA LYS C 11 -12.28 8.70 15.21
CA LYS C 11 -9.50 16.19 -9.83
C LYS C 11 -13.34 8.35 14.17
C LYS C 11 -8.79 16.95 -8.72
N PRO C 12 -14.59 8.81 14.39
N PRO C 12 -9.05 18.26 -8.62
CA PRO C 12 -15.64 8.72 13.38
CA PRO C 12 -8.58 19.05 -7.48
C PRO C 12 -15.28 9.55 12.15
C PRO C 12 -9.27 18.60 -6.20
N GLY C 13 -15.52 9.02 10.95
N GLY C 13 -8.52 18.45 -5.12
CA GLY C 13 -15.23 9.76 9.75
CA GLY C 13 -9.10 18.00 -3.87
C GLY C 13 -13.87 9.40 9.16
C GLY C 13 -8.85 16.52 -3.61
N LEU C 14 -12.84 9.37 10.00
N LEU C 14 -9.02 15.70 -4.64
CA LEU C 14 -11.51 8.94 9.55
CA LEU C 14 -8.73 14.28 -4.53
C LEU C 14 -11.60 7.52 9.02
C LEU C 14 -7.24 14.08 -4.31
N PRO C 15 -10.81 7.23 7.96
N PRO C 15 -6.87 13.08 -3.50
CA PRO C 15 -10.88 5.91 7.33
CA PRO C 15 -5.46 12.87 -3.19
C PRO C 15 -10.25 4.82 8.19
C PRO C 15 -4.68 12.36 -4.38
N TRP C 16 -10.47 3.58 7.78
N TRP C 16 -3.35 12.33 -4.23
CA TRP C 16 -9.80 2.44 8.38
CA TRP C 16 -2.47 11.70 -5.21
C TRP C 16 -8.44 2.23 7.75
C TRP C 16 -2.34 10.22 -4.92
N LEU C 17 -7.50 1.72 8.54
N LEU C 17 -2.14 9.43 -5.98
CA LEU C 17 -6.27 1.17 8.02
CA LEU C 17 -1.66 8.07 -5.81
C LEU C 17 -6.35 -0.34 8.15
C LEU C 17 -0.19 8.04 -6.25
N VAL C 18 -6.37 -1.04 7.01
N VAL C 18 0.70 7.73 -5.32
CA VAL C 18 -6.51 -2.49 7.01
CA VAL C 18 2.12 7.71 -5.62
C VAL C 18 -5.16 -3.11 6.66
C VAL C 18 2.61 6.27 -5.70
N PHE C 19 -4.59 -3.86 7.60
N PHE C 19 3.05 5.87 -6.89
CA PHE C 19 -3.22 -4.33 7.49
CA PHE C 19 3.35 4.46 -7.17
C PHE C 19 -3.12 -5.82 7.15
C PHE C 19 4.83 4.17 -7.19
N LEU C 20 -2.26 -6.14 6.18
N LEU C 20 5.23 3.09 -6.50
CA LEU C 20 -2.06 -7.52 5.76
CA LEU C 20 6.62 2.69 -6.45
C LEU C 20 -0.61 -7.94 5.96
C LEU C 20 6.82 1.27 -7.00
N HIS C 21 -0.42 -8.99 6.74
N HIS C 21 7.65 1.17 -8.03
CA HIS C 21 0.90 -9.52 7.08
CA HIS C 21 7.92 -0.10 -8.71
C HIS C 21 1.48 -10.32 5.90
C HIS C 21 8.84 -1.01 -7.88
N GLY C 22 2.71 -10.79 6.08
N GLY C 22 9.10 -2.21 -8.39
CA GLY C 22 3.37 -11.61 5.08
CA GLY C 22 9.99 -3.16 -7.76
C GLY C 22 3.30 -13.09 5.41
C GLY C 22 11.37 -3.16 -8.40
N PHE C 23 4.03 -13.91 4.66
N PHE C 23 12.22 -4.11 -8.00
CA PHE C 23 3.96 -15.34 4.83
CA PHE C 23 13.59 -4.13 -8.49
C PHE C 23 4.51 -15.77 6.19
C PHE C 23 13.65 -4.37 -10.00
N SER C 24 3.73 -16.62 6.86
N SER C 24 14.47 -3.55 -10.66
CA SER C 24 4.01 -17.20 8.19
CA SER C 24 14.72 -3.58 -12.12
C SER C 24 3.76 -16.20 9.32
C SER C 24 13.57 -3.00 -12.93
N GLY C 25 3.34 -15.00 8.97
N GLY C 25 12.52 -2.54 -12.25
CA GLY C 25 3.01 -13.99 9.96
CA GLY C 25 11.39 -1.92 -12.92
C GLY C 25 1.58 -14.09 10.43
C GLY C 25 11.59 -0.43 -13.09
N ASP C 26 1.14 -13.13 11.24
N ASP C 26 10.56 0.25 -13.59
CA ASP C 26 -0.25 -13.05 11.67
CA ASP C 26 10.59 1.70 -13.68
C ASP C 26 -0.65 -11.61 11.89
C ASP C 26 9.19 2.28 -13.48
N CYS C 27 -1.82 -11.41 12.49
N CYS C 27 9.03 3.56 -13.81
CA CYS C 27 -2.38 -10.06 12.64
CA CYS C 27 7.78 4.26 -13.53
C CYS C 27 -1.55 -9.17 13.56
C CYS C 27 6.60 3.74 -14.35
N HIS C 28 -0.59 -9.74 14.27
N HIS C 28 6.87 2.95 -15.38
CA HIS C 28 0.26 -8.95 15.16
CA HIS C 28 5.80 2.39 -16.21
C HIS C 28 1.36 -8.21 14.40
C HIS C 28 5.09 1.23 -15.53
N GLU C 29 1.62 -8.64 13.18
N GLU C 29 5.73 0.67 -14.51
CA GLU C 29 2.74 -8.15 12.36
CA GLU C 29 5.26 -0.55 -13.84
C GLU C 29 2.82 -6.64 12.27
C GLU C 29 3.80 -0.51 -13.41
N TRP C 30 1.68 -6.00 11.98
N TRP C 30 3.39 0.58 -12.77
CA TRP C 30 1.65 -4.56 11.72
CA TRP C 30 2.05 0.69 -12.20
C TRP C 30 1.26 -3.72 12.94
C TRP C 30 1.05 1.41 -13.10
N GLN C 31 1.04 -4.33 14.10
N GLN C 31 1.48 1.80 -14.30
CA GLN C 31 0.47 -3.57 15.21
CA GLN C 31 0.64 2.68 -15.13
C GLN C 31 1.43 -2.57 15.85
C GLN C 31 -0.60 2.00 -15.70
N GLU C 32 2.72 -2.89 15.89
N GLU C 32 -0.51 0.71 -16.01
CA GLU C 32 3.69 -1.93 16.40
CA GLU C 32 -1.69 -0.01 -16.49
C GLU C 32 3.60 -0.63 15.63
C GLU C 32 -2.79 0.04 -15.44
N VAL C 33 3.44 -0.74 14.32
N VAL C 33 -2.40 -0.16 -14.18
CA VAL C 33 3.35 0.42 13.44
CA VAL C 33 -3.35 -0.15 -13.07
C VAL C 33 1.95 1.02 13.44
C VAL C 33 -3.73 1.27 -12.66
N GLY C 34 0.94 0.16 13.33
N GLY C 34 -2.73 2.13 -12.51
CA GLY C 34 -0.43 0.61 13.17
CA GLY C 34 -2.94 3.47 -12.01
C GLY C 34 -0.99 1.34 14.38
C GLY C 34 -3.82 4.36 -12.88
N GLU C 35 -0.56 0.95 15.57
N GLU C 35 -3.75 4.17 -14.19
CA GLU C 35 -1.08 1.57 16.78
CA GLU C 35 -4.51 5.04 -15.10
C GLU C 35 -0.59 3.01 16.93
C GLU C 35 -6.00 4.74 -15.04
N ALA C 36 0.41 3.38 16.15
N ALA C 36 -6.35 3.61 -14.42
CA ALA C 36 0.85 4.77 16.09
CA ALA C 36 -7.75 3.30 -14.13
C ALA C 36 -0.25 5.67 15.55
C ALA C 36 -8.35 4.37 -13.23
N PHE C 37 -1.15 5.11 14.75
N PHE C 37 -7.52 5.00 -12.41
CA PHE C 37 -2.20 5.89 14.11
CA PHE C 37 -7.99 5.96 -11.43
C PHE C 37 -3.48 5.80 14.93
C PHE C 37 -7.86 7.37 -11.96
N ALA C 38 -3.38 6.31 16.16
N ALA C 38 -8.60 7.61 -13.05
CA ALA C 38 -4.42 6.21 17.16
CA ALA C 38 -8.55 8.84 -13.83
C ALA C 38 -5.75 6.82 16.73
C ALA C 38 -8.89 10.07 -13.01
N ASP C 39 -5.69 7.83 15.88
N ASP C 39 -9.72 9.92 -11.99
CA ASP C 39 -6.92 8.50 15.45
CA ASP C 39 -10.12 11.06 -11.19
C ASP C 39 -7.65 7.72 14.35
C ASP C 39 -9.05 11.45 -10.16
N TYR C 40 -6.95 6.84 13.64
N TYR C 40 -8.21 10.51 -9.76
CA TYR C 40 -7.60 6.01 12.62
CA TYR C 40 -7.10 10.81 -8.86
C TYR C 40 -8.19 4.76 13.26
C TYR C 40 -5.93 11.40 -9.64
N SER C 41 -9.08 4.09 12.55
N SER C 41 -5.03 12.08 -8.95
CA SER C 41 -9.49 2.75 12.94
CA SER C 41 -3.76 12.43 -9.55
C SER C 41 -8.50 1.80 12.30
C SER C 41 -2.83 11.25 -9.35
N ARG C 42 -8.20 0.69 12.97
N ARG C 42 -1.91 11.02 -10.28
CA ARG C 42 -7.22 -0.27 12.47
CA ARG C 42 -1.00 9.87 -10.20
C ARG C 42 -7.84 -1.65 12.43
C ARG C 42 0.44 10.32 -10.35
N LEU C 43 -7.65 -2.35 11.31
N LEU C 43 1.32 9.79 -9.49
CA LEU C 43 -8.05 -3.74 11.22
CA LEU C 43 2.75 10.02 -9.63
C LEU C 43 -6.84 -4.60 10.90
C LEU C 43 3.46 8.70 -9.78
N TYR C 44 -6.50 -5.49 11.81
N TYR C 44 4.09 8.50 -10.95
CA TYR C 44 -5.37 -6.40 11.65
CA TYR C 44 4.83 7.28 -11.21
C TYR C 44 -5.87 -7.78 11.26
C TYR C 44 6.32 7.54 -11.03
N VAL C 45 -5.70 -8.13 9.99
N VAL C 45 6.87 7.04 -9.92
CA VAL C 45 -6.30 -9.33 9.44
CA VAL C 45 8.22 7.37 -9.49
C VAL C 45 -5.34 -10.52 9.46
C VAL C 45 9.24 6.35 -9.97
N ASP C 46 -5.87 -11.70 9.73
N ASP C 46 10.42 6.84 -10.37
CA ASP C 46 -5.17 -12.97 9.53
CA ASP C 46 11.57 6.00 -10.61
C ASP C 46 -5.52 -13.55 8.16
C ASP C 46 12.47 5.97 -9.37
N LEU C 47 -4.52 -13.67 7.29
N LEU C 47 12.62 4.79 -8.77
CA LEU C 47 -4.71 -14.30 5.99
CA LEU C 47 13.53 4.62 -7.65
C LEU C 47 -5.07 -15.77 6.16
C LEU C 47 14.97 4.87 -8.08
N PRO C 48 -5.73 -16.38 5.15
N PRO C 48 15.84 5.25 -7.13
CA PRO C 48 -6.03 -17.81 5.22
CA PRO C 48 17.26 5.42 -7.44
C PRO C 48 -4.78 -18.63 5.51
C PRO C 48 17.85 4.20 -8.13
N GLY C 49 -4.91 -19.64 6.37
N GLY C 49 18.64 4.43 -9.18
CA GLY C 49 -3.79 -20.51 6.70
CA GLY C 49 19.27 3.36 -9.92
C GLY C 49 -2.88 -19.94 7.77
C GLY C 49 18.39 2.74 -11.00
N HIS C 50 -3.18 -18.73 8.24
N HIS C 50 17.16 3.23 -11.10
CA HIS C 50 -2.39 -18.05 9.25
CA HIS C 50 16.19 2.73 -12.08
C HIS C 50 -3.25 -17.64 10.45
C HIS C 50 15.67 3.85 -12.97
N GLY C 51 -2.63 -17.61 11.63
N GLY C 51 15.33 3.51 -14.22
CA GLY C 51 -3.27 -17.11 12.83
CA GLY C 51 14.71 4.44 -15.14
C GLY C 51 -4.60 -17.75 13.14
C GLY C 51 15.45 5.75 -15.30
N GLY C 52 -5.63 -16.92 13.29
N GLY C 52 14.74 6.85 -15.06
CA GLY C 52 -6.97 -17.39 13.57
CA GLY C 52 15.31 8.18 -15.18
C GLY C 52 -7.73 -17.79 12.33
C GLY C 52 16.08 8.61 -13.95
N SER C 53 -7.09 -17.64 11.17
N SER C 53 16.07 7.75 -12.93
CA SER C 53 -7.68 -18.04 9.91
CA SER C 53 16.81 8.01 -11.70
C SER C 53 -7.03 -19.32 9.39
C SER C 53 18.07 7.15 -11.64
N ALA C 54 -6.36 -20.04 10.28
N ALA C 54 18.52 6.68 -12.79
CA ALA C 54 -5.64 -21.25 9.90
CA ALA C 54 19.67 5.77 -12.87
C ALA C 54 -6.57 -22.28 9.25
C ALA C 54 20.91 6.39 -12.23
N ALA C 55 -7.78 -22.39 9.77
N ALA C 55 21.18 7.66 -12.54
CA ALA C 55 -8.74 -23.38 9.28
CA ALA C 55 22.39 8.32 -12.06
C ALA C 55 -9.37 -22.97 7.95
C ALA C 55 22.32 8.70 -10.58
N ILE C 56 -9.18 -21.71 7.55
N ILE C 56 21.16 8.52 -9.96
CA ILE C 56 -9.74 -21.20 6.30
CA ILE C 56 20.99 8.84 -8.54
C ILE C 56 -8.84 -21.51 5.11
C ILE C 56 21.41 7.65 -7.67
N SER C 57 -9.37 -22.25 4.14
N SER C 57 22.34 7.90 -6.75
CA SER C 57 -8.59 -22.67 2.98
CA SER C 57 22.86 6.85 -5.89
C SER C 57 -9.02 -21.96 1.69
C SER C 57 22.48 7.07 -4.43
N VAL C 58 -8.06 -21.70 0.81
N VAL C 58 22.20 5.98 -3.72
CA VAL C 58 -8.36 -21.05 -0.47
CA VAL C 58 21.84 6.05 -2.30
C VAL C 58 -7.67 -21.77 -1.63
C VAL C 58 22.66 5.06 -1.47
N ASP C 59 -8.23 -21.59 -2.84
N ASP C 59 22.85 5.37 -0.20
CA ASP C 59 -7.65 -22.18 -4.04
CA ASP C 59 23.58 4.50 0.71
C ASP C 59 -6.69 -21.21 -4.71
C ASP C 59 22.63 3.52 1.40
N GLY C 60 -6.88 -19.92 -4.44
N GLY C 60 21.38 3.94 1.56
CA GLY C 60 -6.04 -18.89 -5.04
CA GLY C 60 20.38 3.10 2.21
C GLY C 60 -6.48 -17.49 -4.63
C GLY C 60 18.98 3.70 2.17
N PHE C 61 -6.02 -16.50 -5.40
N PHE C 61 18.10 3.15 3.00
CA PHE C 61 -6.27 -15.10 -5.06
CA PHE C 61 16.70 3.58 3.05
C PHE C 61 -7.73 -14.68 -5.17
C PHE C 61 16.51 5.00 3.56
N ASP C 62 -8.47 -15.27 -6.10
N ASP C 62 17.37 5.46 4.46
CA ASP C 62 -9.88 -14.90 -6.24
CA ASP C 62 17.24 6.82 4.96
C ASP C 62 -10.63 -15.15 -4.92
C ASP C 62 17.34 7.80 3.80
N ASP C 63 -10.38 -16.30 -4.32
N ASP C 63 18.32 7.58 2.92
CA ASP C 63 -11.00 -16.63 -3.04
CA ASP C 63 18.48 8.39 1.72
C ASP C 63 -10.53 -15.69 -1.93
C ASP C 63 17.27 8.32 0.80
N VAL C 64 -9.31 -15.21 -2.05
N VAL C 64 16.62 7.17 0.75
CA VAL C 64 -8.76 -14.29 -1.05
CA VAL C 64 15.46 6.98 -0.13
C VAL C 64 -9.42 -12.93 -1.15
C VAL C 64 14.24 7.71 0.42
N THR C 65 -9.52 -12.41 -2.38
N THR C 65 14.01 7.58 1.72
CA THR C 65 -10.18 -11.14 -2.61
CA THR C 65 12.92 8.29 2.38
C THR C 65 -11.63 -11.20 -2.13
C THR C 65 13.08 9.80 2.20
N ASP C 66 -12.31 -12.30 -2.44
N ASP C 66 14.31 10.28 2.35
CA ASP C 66 -13.69 -12.50 -2.01
CA ASP C 66 14.61 11.69 2.14
C ASP C 66 -13.81 -12.45 -0.49
C ASP C 66 14.29 12.14 0.72
N LEU C 67 -12.93 -13.17 0.18
N LEU C 67 14.72 11.35 -0.26
CA LEU C 67 -12.88 -13.20 1.65
CA LEU C 67 14.47 11.64 -1.67
C LEU C 67 -12.59 -11.82 2.25
C LEU C 67 12.98 11.61 -2.01
N LEU C 68 -11.68 -11.08 1.61
N LEU C 68 12.26 10.68 -1.40
CA LEU C 68 -11.33 -9.75 2.07
CA LEU C 68 10.81 10.58 -1.60
C LEU C 68 -12.52 -8.81 1.95
C LEU C 68 10.10 11.79 -1.00
N ARG C 69 -13.22 -8.88 0.82
N ARG C 69 10.56 12.23 0.17
CA ARG C 69 -14.42 -8.11 0.58
CA ARG C 69 9.99 13.39 0.83
C ARG C 69 -15.47 -8.38 1.65
C ARG C 69 10.16 14.65 -0.01
N LYS C 70 -15.68 -9.66 1.95
N LYS C 70 11.35 14.82 -0.58
CA LYS C 70 -16.67 -10.07 2.95
CA LYS C 70 11.64 15.99 -1.41
C LYS C 70 -16.26 -9.58 4.34
C LYS C 70 10.83 15.96 -2.70
N THR C 71 -14.96 -9.58 4.61
N THR C 71 10.63 14.76 -3.23
CA THR C 71 -14.44 -9.12 5.89
CA THR C 71 9.86 14.59 -4.47
C THR C 71 -14.69 -7.63 6.09
C THR C 71 8.42 15.00 -4.28
N LEU C 72 -14.48 -6.85 5.04
N LEU C 72 7.84 14.64 -3.14
CA LEU C 72 -14.76 -5.41 5.07
CA LEU C 72 6.49 15.03 -2.79
C LEU C 72 -16.22 -5.15 5.44
C LEU C 72 6.35 16.56 -2.77
N VAL C 73 -17.11 -5.91 4.83
N VAL C 73 7.36 17.22 -2.22
CA VAL C 73 -18.55 -5.78 5.08
CA VAL C 73 7.39 18.69 -2.15
C VAL C 73 -18.90 -6.06 6.55
C VAL C 73 7.44 19.30 -3.55
N SER C 74 -18.35 -7.15 7.07
N SER C 74 8.27 18.73 -4.41
CA SER C 74 -18.62 -7.58 8.45
CA SER C 74 8.48 19.25 -5.76
C SER C 74 -18.23 -6.53 9.48
C SER C 74 7.19 19.23 -6.59
N TYR C 75 -17.21 -5.72 9.17
N TYR C 75 6.29 18.29 -6.28
CA TYR C 75 -16.77 -4.68 10.09
CA TYR C 75 5.04 18.17 -7.02
C TYR C 75 -17.28 -3.31 9.70
C TYR C 75 3.83 18.69 -6.26
N ASN C 76 -18.20 -3.28 8.73
N ASN C 76 4.07 19.42 -5.17
CA ASN C 76 -18.82 -2.05 8.27
CA ASN C 76 3.02 20.02 -4.37
C ASN C 76 -17.80 -1.01 7.78
C ASN C 76 2.02 19.01 -3.83
N ILE C 77 -16.80 -1.47 7.03
N ILE C 77 2.50 17.83 -3.45
CA ILE C 77 -15.77 -0.58 6.53
CA ILE C 77 1.62 16.77 -2.96
C ILE C 77 -16.13 0.01 5.17
C ILE C 77 1.39 16.90 -1.46
N LEU C 78 -16.38 1.31 5.14
N LEU C 78 0.15 17.22 -1.10
CA LEU C 78 -16.81 1.99 3.93
CA LEU C 78 -0.20 17.46 0.29
C LEU C 78 -15.69 2.84 3.36
C LEU C 78 -1.06 16.33 0.83
N ASP C 79 -14.66 3.02 4.18
N ASP C 79 -1.61 15.53 -0.08
CA ASP C 79 -13.60 3.97 3.91
CA ASP C 79 -2.52 14.46 0.26
C ASP C 79 -12.28 3.38 4.44
C ASP C 79 -2.26 13.28 -0.66
N PHE C 80 -11.36 3.00 3.55
N PHE C 80 -1.86 12.14 -0.12
CA PHE C 80 -10.12 2.39 4.05
CA PHE C 80 -1.57 11.01 -1.01
C PHE C 80 -8.90 2.48 3.13
C PHE C 80 -1.62 9.62 -0.35
N TRP C 81 -7.73 2.41 3.76
N TRP C 81 -1.83 8.63 -1.19
CA TRP C 81 -6.48 2.15 3.07
CA TRP C 81 -1.60 7.23 -0.83
C TRP C 81 -6.15 0.68 3.24
C TRP C 81 -0.25 6.83 -1.41
N LEU C 82 -5.48 0.09 2.24
N LEU C 82 0.45 5.91 -0.73
CA LEU C 82 -5.03 -1.29 2.33
CA LEU C 82 1.69 5.37 -1.25
C LEU C 82 -3.51 -1.30 2.40
C LEU C 82 1.47 3.91 -1.59
N VAL C 83 -2.96 -1.84 3.49
N VAL C 83 1.69 3.57 -2.86
CA VAL C 83 -1.53 -1.89 3.72
CA VAL C 83 1.49 2.21 -3.36
C VAL C 83 -1.05 -3.34 3.84
C VAL C 83 2.80 1.65 -3.89
N GLY C 84 -0.17 -3.74 2.93
N GLY C 84 3.25 0.54 -3.31
CA GLY C 84 0.32 -5.11 2.94
CA GLY C 84 4.52 -0.05 -3.71
C GLY C 84 1.83 -5.27 2.85
C GLY C 84 4.48 -1.55 -3.96
N TYR C 85 2.37 -6.20 3.63
N TYR C 85 5.18 -1.98 -5.00
CA TYR C 85 3.78 -6.55 3.57
CA TYR C 85 5.35 -3.41 -5.30
C TYR C 85 4.01 -7.88 2.86
C TYR C 85 6.74 -3.92 -4.94
N SER C 86 4.86 -7.87 1.84
N SER C 86 6.79 -4.98 -4.12
CA SER C 86 5.31 -9.07 1.15
CA SER C 86 8.03 -5.69 -3.79
C SER C 86 4.13 -9.80 0.50
C SER C 86 9.04 -4.74 -3.13
N LEU C 87 3.87 -11.04 0.92
N LEU C 87 10.17 -4.49 -3.77
CA LEU C 87 2.72 -11.79 0.41
CA LEU C 87 11.16 -3.56 -3.22
C LEU C 87 1.45 -10.97 0.63
C LEU C 87 10.50 -2.20 -2.97
N GLY C 88 1.37 -10.28 1.76
N GLY C 88 9.58 -1.81 -3.85
CA GLY C 88 0.27 -9.37 2.03
CA GLY C 88 8.85 -0.58 -3.66
C GLY C 88 0.20 -8.23 1.04
C GLY C 88 7.91 -0.63 -2.46
N GLY C 89 1.35 -7.78 0.56
N GLY C 89 7.42 -1.82 -2.16
CA GLY C 89 1.39 -6.76 -0.48
CA GLY C 89 6.62 -2.01 -0.96
C GLY C 89 0.89 -7.27 -1.82
C GLY C 89 7.47 -1.86 0.29
N ARG C 90 1.21 -8.53 -2.14
N ARG C 90 8.70 -2.37 0.24
CA ARG C 90 0.74 -9.15 -3.37
CA ARG C 90 9.63 -2.27 1.36
C ARG C 90 -0.76 -9.37 -3.31
C ARG C 90 10.04 -0.81 1.55
N VAL C 91 -1.25 -9.81 -2.15
N VAL C 91 10.34 -0.13 0.45
CA VAL C 91 -2.67 -9.97 -1.91
CA VAL C 91 10.59 1.31 0.45
C VAL C 91 -3.39 -8.62 -2.07
C VAL C 91 9.41 2.07 1.04
N ALA C 92 -2.80 -7.58 -1.49
N ALA C 92 8.20 1.70 0.62
CA ALA C 92 -3.34 -6.24 -1.58
CA ALA C 92 6.99 2.35 1.12
C ALA C 92 -3.44 -5.74 -3.01
C ALA C 92 6.83 2.20 2.63
N MET C 93 -2.36 -5.96 -3.77
N MET C 93 7.05 0.97 3.11
CA MET C 93 -2.31 -5.51 -5.16
CA MET C 93 6.87 0.68 4.53
C MET C 93 -3.31 -6.26 -6.03
C MET C 93 7.92 1.37 5.39
N MET C 94 -3.44 -7.56 -5.80
N MET C 94 9.14 1.42 4.90
CA MET C 94 -4.40 -8.37 -6.54
CA MET C 94 10.22 2.13 5.60
C MET C 94 -5.82 -7.91 -6.24
C MET C 94 9.90 3.61 5.69
N ALA C 95 -6.13 -7.74 -4.96
N ALA C 95 9.50 4.20 4.58
CA ALA C 95 -7.47 -7.33 -4.54
CA ALA C 95 9.21 5.64 4.53
C ALA C 95 -7.84 -5.92 -5.03
C ALA C 95 8.01 6.02 5.40
N ALA C 96 -6.89 -5.00 -4.97
N ALA C 96 6.95 5.22 5.34
CA ALA C 96 -7.13 -3.64 -5.43
CA ALA C 96 5.75 5.47 6.13
C ALA C 96 -7.42 -3.60 -6.92
C ALA C 96 6.06 5.40 7.63
N CYS C 97 -6.64 -4.35 -7.69
N CYS C 97 6.86 4.42 8.02
CA CYS C 97 -6.79 -4.40 -9.13
CA CYS C 97 7.22 4.26 9.42
C CYS C 97 -8.12 -5.01 -9.54
C CYS C 97 8.08 5.41 9.91
N GLN C 98 -8.58 -5.98 -8.76
N GLN C 98 8.94 5.92 9.03
CA GLN C 98 -9.84 -6.65 -9.04
CA GLN C 98 9.84 7.01 9.41
C GLN C 98 -11.02 -5.79 -8.62
C GLN C 98 9.11 8.35 9.42
N GLY C 99 -10.85 -4.98 -7.58
N GLY C 99 8.08 8.50 8.59
CA GLY C 99 -11.87 -4.01 -7.18
CA GLY C 99 7.23 9.67 8.63
C GLY C 99 -12.27 -4.06 -5.72
C GLY C 99 7.01 10.36 7.29
N LEU C 100 -12.08 -2.94 -5.04
N LEU C 100 5.75 10.44 6.87
CA LEU C 100 -12.47 -2.79 -3.64
CA LEU C 100 5.37 11.10 5.62
C LEU C 100 -13.28 -1.51 -3.43
C LEU C 100 4.22 12.06 5.85
N ALA C 101 -14.40 -1.61 -2.72
N ALA C 101 4.35 13.29 5.37
CA ALA C 101 -15.26 -0.46 -2.47
CA ALA C 101 3.32 14.30 5.55
C ALA C 101 -14.69 0.44 -1.37
C ALA C 101 2.13 14.10 4.60
N GLY C 102 -14.65 1.74 -1.64
N GLY C 102 0.93 14.10 5.16
CA GLY C 102 -14.21 2.70 -0.64
CA GLY C 102 -0.28 14.00 4.36
C GLY C 102 -12.72 2.67 -0.37
C GLY C 102 -0.53 12.62 3.80
N LEU C 103 -11.94 2.32 -1.39
N LEU C 103 -0.08 11.60 4.52
CA LEU C 103 -10.50 2.22 -1.26
CA LEU C 103 -0.22 10.22 4.07
C LEU C 103 -9.82 3.58 -1.44
C LEU C 103 -1.59 9.64 4.40
N CYS C 104 -9.29 4.13 -0.36
N CYS C 104 -2.39 9.41 3.36
CA CYS C 104 -8.56 5.39 -0.41
CA CYS C 104 -3.72 8.82 3.53
C CYS C 104 -7.24 5.25 -1.14
C CYS C 104 -3.66 7.35 3.94
N GLY C 105 -6.57 4.12 -0.93
N GLY C 105 -2.71 6.63 3.37
CA GLY C 105 -5.29 3.88 -1.55
CA GLY C 105 -2.55 5.22 3.69
C GLY C 105 -4.73 2.54 -1.12
C GLY C 105 -1.40 4.65 2.89
N VAL C 106 -3.65 2.12 -1.76
N VAL C 106 -1.02 3.41 3.23
CA VAL C 106 -2.99 0.88 -1.40
CA VAL C 106 0.03 2.73 2.50
C VAL C 106 -1.52 1.18 -1.16
C VAL C 106 -0.49 1.39 2.03
N ILE C 107 -1.00 0.71 -0.03
N ILE C 107 -0.31 1.10 0.74
CA ILE C 107 0.40 0.88 0.30
CA ILE C 107 -0.75 -0.14 0.15
C ILE C 107 1.06 -0.49 0.41
C ILE C 107 0.46 -0.87 -0.42
N VAL C 108 2.06 -0.74 -0.45
N VAL C 108 0.81 -2.01 0.15
CA VAL C 108 2.69 -2.05 -0.53
CA VAL C 108 1.99 -2.73 -0.29
C VAL C 108 4.14 -2.03 -0.08
C VAL C 108 1.65 -4.07 -0.93
N GLU C 109 4.48 -2.94 0.83
N GLU C 109 2.29 -4.32 -2.07
CA GLU C 109 5.85 -3.08 1.32
CA GLU C 109 2.14 -5.57 -2.79
C GLU C 109 6.46 -4.39 0.80
C GLU C 109 3.43 -6.39 -2.71
N GLY C 110 7.36 -4.28 -0.17
N GLY C 110 3.38 -7.50 -1.98
CA GLY C 110 8.10 -5.45 -0.65
CA GLY C 110 4.49 -8.43 -1.93
C GLY C 110 7.25 -6.47 -1.35
C GLY C 110 5.73 -7.84 -1.29
N GLY C 111 6.15 -6.03 -1.97
N GLY C 111 5.54 -6.90 -0.37
CA GLY C 111 5.27 -6.93 -2.69
CA GLY C 111 6.65 -6.26 0.31
C GLY C 111 5.62 -7.02 -4.16
C GLY C 111 6.99 -6.92 1.63
N HIS C 112 5.82 -8.25 -4.63
N HIS C 112 8.26 -7.28 1.78
CA HIS C 112 6.17 -8.50 -6.02
CA HIS C 112 8.73 -7.99 2.97
C HIS C 112 4.95 -8.32 -6.93
C HIS C 112 8.90 -7.04 4.14
N PRO C 113 5.06 -7.41 -7.92
N PRO C 113 8.22 -7.30 5.26
CA PRO C 113 3.96 -7.15 -8.86
CA PRO C 113 8.28 -6.44 6.45
C PRO C 113 3.64 -8.35 -9.76
C PRO C 113 9.66 -6.46 7.12
N GLY C 114 4.55 -9.31 -9.81
N GLY C 114 10.48 -7.44 6.77
CA GLY C 114 4.35 -10.51 -10.60
CA GLY C 114 11.83 -7.52 7.29
C GLY C 114 5.46 -10.77 -11.62
C GLY C 114 12.16 -8.86 7.93
N LEU C 115 5.78 -12.05 -11.81
N LEU C 115 13.37 -9.34 7.67
CA LEU C 115 6.78 -12.46 -12.79
CA LEU C 115 13.86 -10.57 8.31
C LEU C 115 6.32 -12.17 -14.22
C LEU C 115 13.92 -10.43 9.83
N GLN C 116 7.21 -12.40 -15.19
N GLN C 116 14.17 -11.53 10.53
CA GLN C 116 6.95 -11.98 -16.56
CA GLN C 116 14.08 -11.53 11.98
C GLN C 116 7.18 -13.08 -17.60
C GLN C 116 15.30 -12.09 12.71
N ASN C 117 7.53 -14.29 -17.16
N ASN C 117 16.35 -12.44 11.98
CA ASN C 117 7.65 -15.42 -18.08
CA ASN C 117 17.60 -12.86 12.60
C ASN C 117 7.39 -16.75 -17.38
C ASN C 117 18.80 -12.63 11.70
N ALA C 118 7.13 -17.79 -18.18
N ALA C 118 19.98 -12.59 12.30
CA ALA C 118 6.81 -19.11 -17.65
CA ALA C 118 21.22 -12.30 11.57
C ALA C 118 8.02 -19.77 -17.00
C ALA C 118 21.57 -13.42 10.59
N GLU C 119 9.20 -19.45 -17.51
N GLU C 119 21.16 -14.64 10.91
CA GLU C 119 10.44 -20.03 -16.99
CA GLU C 119 21.44 -15.79 10.05
C GLU C 119 10.67 -19.63 -15.54
C GLU C 119 20.71 -15.66 8.72
N GLN C 120 10.36 -18.38 -15.23
N GLN C 120 19.47 -15.18 8.77
CA GLN C 120 10.46 -17.87 -13.86
CA GLN C 120 18.69 -14.91 7.58
C GLN C 120 9.38 -18.48 -12.98
C GLN C 120 19.28 -13.74 6.79
N ARG C 121 8.16 -18.57 -13.52
N ARG C 121 19.68 -12.70 7.51
CA ARG C 121 7.04 -19.18 -12.80
CA ARG C 121 20.28 -11.52 6.89
C ARG C 121 7.34 -20.64 -12.53
C ARG C 121 21.60 -11.88 6.23
N ALA C 122 8.04 -21.28 -13.47
N ALA C 122 22.34 -12.79 6.86
CA ALA C 122 8.54 -22.63 -13.26
CA ALA C 122 23.54 -13.33 6.25
C ALA C 122 9.64 -22.61 -12.21
C ALA C 122 23.17 -14.19 5.07
N GLU C 123 10.46 -21.55 -12.26
N GLU C 123 22.03 -14.86 5.16
CA GLU C 123 11.57 -21.40 -11.33
CA GLU C 123 21.55 -15.74 4.11
C GLU C 123 11.14 -20.79 -9.99
C GLU C 123 20.69 -14.99 3.09
N ARG C 124 9.97 -20.16 -9.95
N ARG C 124 20.33 -13.73 3.40
CA ARG C 124 9.40 -19.70 -8.68
CA ARG C 124 19.70 -12.86 2.40
C ARG C 124 8.82 -20.93 -7.96
C ARG C 124 20.84 -12.29 1.55
N GLN C 125 9.18 -22.09 -8.48
N GLN C 125 22.01 -12.90 1.70
CA GLN C 125 9.03 -23.32 -7.75
CA GLN C 125 23.09 -12.74 0.77
C GLN C 125 10.44 -23.86 -7.43
C GLN C 125 23.34 -14.09 0.09
N ARG C 126 11.38 -22.97 -7.13
N ARG C 126 22.26 -14.83 -0.20
CA ARG C 126 12.78 -23.39 -6.97
CA ARG C 126 22.41 -16.21 -0.69
C ARG C 126 13.69 -22.51 -6.10
C ARG C 126 21.33 -16.70 -1.67
N SER C 127 13.20 -21.37 -5.60
N SER C 127 20.12 -16.13 -1.60
CA SER C 127 13.77 -20.80 -4.38
CA SER C 127 19.19 -16.23 -2.72
C SER C 127 12.65 -21.01 -3.40
C SER C 127 19.42 -14.93 -3.48
N ASP C 128 11.71 -21.83 -3.88
N ASP C 128 20.42 -14.21 -2.97
CA ASP C 128 10.37 -21.94 -3.33
CA ASP C 128 20.66 -12.83 -3.33
C ASP C 128 9.94 -23.41 -3.26
C ASP C 128 22.14 -12.60 -3.65
N ARG C 129 8.93 -23.76 -4.06
N ARG C 129 22.82 -11.84 -2.79
CA ARG C 129 8.21 -25.05 -4.02
CA ARG C 129 24.17 -11.29 -2.99
C ARG C 129 8.62 -26.06 -2.95
C ARG C 129 24.85 -11.55 -4.33
N GLN C 130 9.90 -26.39 -2.91
N GLN C 130 24.97 -12.82 -4.69
CA GLN C 130 10.44 -27.37 -1.95
CA GLN C 130 25.64 -13.22 -5.94
C GLN C 130 10.08 -27.02 -0.50
C GLN C 130 25.06 -12.51 -7.17
N TRP C 131 9.67 -25.77 -0.27
N TRP C 131 23.87 -11.93 -7.00
CA TRP C 131 9.26 -25.34 1.05
CA TRP C 131 23.23 -11.18 -8.07
C TRP C 131 7.98 -26.01 1.51
C TRP C 131 23.98 -9.90 -8.40
N VAL C 132 7.02 -26.12 0.59
N VAL C 132 24.42 -9.20 -7.36
CA VAL C 132 5.73 -26.72 0.89
CA VAL C 132 25.12 -7.93 -7.54
C VAL C 132 5.91 -28.11 1.51
C VAL C 132 26.31 -8.08 -8.48
N GLN C 133 6.77 -28.92 0.90
N GLN C 133 27.09 -9.13 -8.28
CA GLN C 133 7.11 -30.23 1.44
CA GLN C 133 28.22 -9.44 -9.14
C GLN C 133 7.69 -30.12 2.84
C GLN C 133 27.78 -9.66 -10.58
N ARG C 134 8.63 -29.20 3.02
N ARG C 134 26.71 -10.43 -10.77
CA ARG C 134 9.31 -29.02 4.30
CA ARG C 134 26.22 -10.77 -12.10
C ARG C 134 8.34 -28.60 5.40
C ARG C 134 25.72 -9.55 -12.87
N PHE C 135 7.47 -27.64 5.11
N PHE C 135 24.98 -8.68 -12.20
CA PHE C 135 6.49 -27.17 6.07
CA PHE C 135 24.48 -7.46 -12.83
C PHE C 135 5.49 -28.27 6.45
C PHE C 135 25.61 -6.52 -13.25
N LEU C 136 5.31 -29.23 5.55
N LEU C 136 26.76 -6.64 -12.58
CA LEU C 136 4.37 -30.32 5.77
CA LEU C 136 27.90 -5.79 -12.85
C LEU C 136 4.93 -31.43 6.65
C LEU C 136 28.74 -6.25 -14.04
N THR C 137 6.24 -31.60 6.63
N THR C 137 28.71 -7.55 -14.32
CA THR C 137 6.85 -32.79 7.23
CA THR C 137 29.68 -8.14 -15.26
C THR C 137 7.94 -32.49 8.26
C THR C 137 29.06 -9.00 -16.36
N GLU C 138 8.55 -31.32 8.18
N GLU C 138 27.78 -9.33 -16.24
CA GLU C 138 9.68 -31.00 9.06
CA GLU C 138 27.14 -10.20 -17.22
C GLU C 138 9.29 -30.01 10.15
C GLU C 138 26.03 -9.49 -17.98
N PRO C 139 9.92 -30.15 11.34
N PRO C 139 25.78 -9.91 -19.23
CA PRO C 139 9.70 -29.19 12.43
CA PRO C 139 24.67 -9.37 -20.01
C PRO C 139 10.01 -27.77 11.98
C PRO C 139 23.34 -9.56 -19.29
N LEU C 140 9.11 -26.84 12.30
N LEU C 140 22.51 -8.52 -19.27
CA LEU C 140 9.18 -25.48 11.78
CA LEU C 140 21.28 -8.53 -18.50
C LEU C 140 10.45 -24.74 12.22
C LEU C 140 20.28 -9.57 -19.02
N THR C 141 10.95 -25.05 13.42
N THR C 141 20.31 -9.83 -20.33
CA THR C 141 12.18 -24.44 13.90
CA THR C 141 19.47 -10.85 -20.94
C THR C 141 13.35 -24.69 12.94
C THR C 141 19.73 -12.21 -20.31
N ALA C 142 13.37 -25.88 12.34
N ALA C 142 20.97 -12.44 -19.89
CA ALA C 142 14.40 -26.23 11.38
CA ALA C 142 21.34 -13.70 -19.26
C ALA C 142 14.11 -25.63 10.00
C ALA C 142 21.04 -13.68 -17.76
N VAL C 143 12.83 -25.57 9.65
N VAL C 143 21.32 -12.57 -17.10
CA VAL C 143 12.42 -25.04 8.36
CA VAL C 143 21.11 -12.46 -15.67
C VAL C 143 12.64 -23.52 8.28
C VAL C 143 19.63 -12.54 -15.30
N PHE C 144 12.25 -22.81 9.33
N PHE C 144 18.78 -11.85 -16.07
CA PHE C 144 12.36 -21.36 9.34
CA PHE C 144 17.36 -11.82 -15.78
C PHE C 144 13.80 -20.88 9.48
C PHE C 144 16.66 -13.14 -16.12
N ALA C 145 14.68 -21.73 10.01
N ALA C 145 17.30 -13.95 -16.97
CA ALA C 145 16.09 -21.40 10.07
CA ALA C 145 16.78 -15.26 -17.28
C ALA C 145 16.65 -21.22 8.67
C ALA C 145 16.77 -16.13 -16.02
N ASP C 146 16.23 -22.06 7.74
N ASP C 146 17.83 -16.01 -15.22
CA ASP C 146 16.69 -21.96 6.37
CA ASP C 146 17.89 -16.74 -13.97
C ASP C 146 15.90 -20.89 5.61
C ASP C 146 17.06 -16.06 -12.89
N TRP C 147 14.64 -20.72 5.99
N TRP C 147 17.02 -14.73 -12.93
CA TRP C 147 13.77 -19.73 5.37
CA TRP C 147 16.31 -13.92 -11.94
C TRP C 147 14.36 -18.33 5.45
C TRP C 147 14.85 -14.35 -11.83
N TYR C 148 14.82 -17.95 6.65
N TYR C 148 14.20 -14.54 -12.96
CA TYR C 148 15.41 -16.63 6.84
CA TYR C 148 12.79 -14.94 -12.97
C TYR C 148 16.88 -16.61 6.46
C TYR C 148 12.62 -16.45 -12.88
N GLN C 149 17.32 -17.65 5.75
N GLN C 149 13.69 -17.13 -12.46
CA GLN C 149 18.65 -17.67 5.15
CA GLN C 149 13.62 -18.55 -12.17
C GLN C 149 18.55 -17.45 3.64
C GLN C 149 13.73 -18.78 -10.66
N GLN C 150 17.32 -17.32 3.15
N GLN C 150 13.89 -17.69 -9.92
CA GLN C 150 17.06 -16.97 1.75
CA GLN C 150 13.88 -17.71 -8.45
C GLN C 150 17.63 -15.60 1.39
C GLN C 150 12.56 -18.23 -7.91
N PRO C 151 17.97 -15.41 0.10
N PRO C 151 12.57 -18.83 -6.70
CA PRO C 151 18.54 -14.18 -0.46
CA PRO C 151 11.39 -19.40 -6.04
C PRO C 151 17.81 -12.90 -0.04
C PRO C 151 10.17 -18.47 -6.01
N VAL C 152 16.49 -12.97 0.07
N VAL C 152 10.40 -17.17 -5.94
CA VAL C 152 15.70 -11.79 0.43
CA VAL C 152 9.29 -16.21 -5.87
C VAL C 152 15.89 -11.45 1.90
C VAL C 152 8.64 -16.02 -7.25
N PHE C 153 16.41 -12.41 2.68
N PHE C 153 9.36 -16.43 -8.29
CA PHE C 153 16.62 -12.21 4.11
CA PHE C 153 8.86 -16.29 -9.65
C PHE C 153 18.10 -12.21 4.48
C PHE C 153 8.58 -17.64 -10.31
N ALA C 154 18.96 -12.22 3.47
N ALA C 154 8.61 -18.69 -9.50
CA ALA C 154 20.41 -12.19 3.69
CA ALA C 154 8.40 -20.05 -10.00
C ALA C 154 20.89 -10.99 4.52
C ALA C 154 7.01 -20.24 -10.62
N SER C 155 20.14 -9.90 4.51
N SER C 155 6.03 -19.47 -10.16
CA SER C 155 20.54 -8.69 5.22
CA SER C 155 4.66 -19.60 -10.63
C SER C 155 20.44 -8.82 6.74
C SER C 155 4.49 -19.14 -12.08
N LEU C 156 19.67 -9.79 7.20
N LEU C 156 5.46 -18.37 -12.58
CA LEU C 156 19.47 -9.99 8.64
CA LEU C 156 5.40 -17.87 -13.95
C LEU C 156 20.74 -10.46 9.32
C LEU C 156 5.53 -19.00 -14.96
N ASN C 157 20.86 -10.18 10.61
N ASN C 157 5.02 -18.78 -16.16
CA ASN C 157 21.91 -10.78 11.42
CA ASN C 157 5.29 -19.68 -17.28
C ASN C 157 21.34 -11.97 12.19
C ASN C 157 6.36 -19.06 -18.16
N ASP C 158 22.20 -12.79 12.78
N ASP C 158 6.92 -19.86 -19.07
CA ASP C 158 21.77 -14.01 13.44
CA ASP C 158 8.03 -19.41 -19.90
C ASP C 158 20.91 -13.74 14.67
C ASP C 158 7.65 -18.26 -20.83
N ASP C 159 21.04 -12.55 15.26
N ASP C 159 6.38 -18.17 -21.19
CA ASP C 159 20.20 -12.17 16.38
CA ASP C 159 5.90 -17.06 -22.01
C ASP C 159 18.76 -12.00 15.90
C ASP C 159 6.05 -15.76 -21.24
N GLN C 160 18.61 -11.27 14.81
N GLN C 160 5.50 -15.73 -20.03
CA GLN C 160 17.30 -11.04 14.21
CA GLN C 160 5.62 -14.57 -19.15
C GLN C 160 16.71 -12.34 13.68
C GLN C 160 7.08 -14.26 -18.84
N ARG C 161 17.56 -13.20 13.13
N ARG C 161 7.88 -15.31 -18.63
CA ARG C 161 17.10 -14.47 12.58
CA ARG C 161 9.29 -15.13 -18.30
C ARG C 161 16.60 -15.39 13.69
C ARG C 161 10.06 -14.49 -19.45
N ARG C 162 17.34 -15.49 14.79
N ARG C 162 9.84 -14.98 -20.67
CA ARG C 162 16.97 -16.35 15.90
CA ARG C 162 10.53 -14.46 -21.83
C ARG C 162 15.64 -15.92 16.51
C ARG C 162 10.20 -12.98 -22.03
N GLU C 163 15.42 -14.61 16.56
N GLU C 163 8.93 -12.63 -21.80
CA GLU C 163 14.18 -14.06 17.06
CA GLU C 163 8.49 -11.24 -21.94
C GLU C 163 13.02 -14.41 16.11
C GLU C 163 9.14 -10.35 -20.88
N LEU C 164 13.28 -14.26 14.82
N LEU C 164 9.26 -10.88 -19.66
CA LEU C 164 12.27 -14.56 13.81
CA LEU C 164 9.88 -10.14 -18.57
C LEU C 164 11.94 -16.05 13.74
C LEU C 164 11.37 -9.96 -18.78
N VAL C 165 12.96 -16.89 13.84
N VAL C 165 12.03 -11.02 -19.28
CA VAL C 165 12.74 -18.34 13.82
CA VAL C 165 13.47 -10.96 -19.53
C VAL C 165 11.86 -18.73 14.99
C VAL C 165 13.78 -9.86 -20.55
N ALA C 166 12.16 -18.19 16.17
N ALA C 166 12.98 -9.81 -21.61
CA ALA C 166 11.37 -18.42 17.37
CA ALA C 166 13.14 -8.79 -22.64
C ALA C 166 9.93 -17.93 17.18
C ALA C 166 12.88 -7.39 -22.08
N LEU C 167 9.77 -16.80 16.51
N LEU C 167 11.92 -7.27 -21.18
CA LEU C 167 8.45 -16.22 16.33
CA LEU C 167 11.56 -5.98 -20.60
C LEU C 167 7.58 -17.04 15.38
C LEU C 167 12.65 -5.45 -19.67
N ARG C 168 8.07 -17.28 14.17
N ARG C 168 13.01 -6.23 -18.67
CA ARG C 168 7.29 -17.94 13.14
CA ARG C 168 13.98 -5.80 -17.65
C ARG C 168 7.06 -19.43 13.41
C ARG C 168 15.39 -5.65 -18.21
N SER C 169 7.89 -20.02 14.28
N SER C 169 15.65 -6.29 -19.35
CA SER C 169 7.79 -21.44 14.60
CA SER C 169 16.98 -6.24 -19.98
C SER C 169 6.45 -21.77 15.25
C SER C 169 17.35 -4.81 -20.37
N ASN C 170 5.82 -20.76 15.85
N ASN C 170 16.33 -3.98 -20.56
CA ASN C 170 4.47 -20.89 16.34
CA ASN C 170 16.53 -2.56 -20.79
C ASN C 170 3.50 -20.81 15.18
C ASN C 170 16.87 -1.87 -19.48
N ASN C 171 3.28 -21.96 14.53
N ASN C 171 18.13 -1.98 -19.07
CA ASN C 171 2.41 -22.01 13.35
CA ASN C 171 18.55 -1.43 -17.79
C ASN C 171 1.91 -23.41 13.04
C ASN C 171 20.05 -1.14 -17.71
N ASN C 172 0.92 -23.47 12.15
N ASN C 172 20.44 -0.40 -16.68
CA ASN C 172 0.44 -24.73 11.59
CA ASN C 172 21.84 -0.16 -16.36
C ASN C 172 1.13 -24.99 10.26
C ASN C 172 22.27 -1.09 -15.24
N GLY C 173 2.12 -25.88 10.27
N GLY C 173 22.97 -2.16 -15.60
CA GLY C 173 2.92 -26.16 9.09
CA GLY C 173 23.35 -3.20 -14.65
C GLY C 173 2.13 -26.60 7.88
C GLY C 173 24.12 -2.72 -13.44
N ALA C 174 1.05 -27.33 8.12
N ALA C 174 25.00 -1.75 -13.65
CA ALA C 174 0.22 -27.82 7.03
CA ALA C 174 25.79 -1.19 -12.54
C ALA C 174 -0.51 -26.67 6.33
C ALA C 174 24.90 -0.54 -11.49
N THR C 175 -1.15 -25.80 7.10
N THR C 175 24.02 0.35 -11.92
CA THR C 175 -1.94 -24.72 6.52
CA THR C 175 23.17 1.10 -11.00
C THR C 175 -1.08 -23.62 5.90
C THR C 175 22.10 0.21 -10.35
N LEU C 176 0.15 -23.47 6.41
N LEU C 176 21.68 -0.84 -11.04
CA LEU C 176 1.09 -22.55 5.79
CA LEU C 176 20.78 -1.81 -10.45
C LEU C 176 1.45 -23.05 4.39
C LEU C 176 21.45 -2.51 -9.27
N ALA C 177 1.61 -24.36 4.27
N ALA C 177 22.73 -2.83 -9.46
CA ALA C 177 1.94 -24.97 2.99
CA ALA C 177 23.50 -3.50 -8.42
C ALA C 177 0.81 -24.78 1.98
C ALA C 177 23.68 -2.62 -7.19
N ALA C 178 -0.43 -24.93 2.43
N ALA C 178 23.90 -1.33 -7.42
CA ALA C 178 -1.59 -24.80 1.55
CA ALA C 178 24.12 -0.38 -6.32
C ALA C 178 -1.71 -23.38 1.00
C ALA C 178 22.87 -0.26 -5.45
N MET C 179 -1.54 -22.38 1.86
N MET C 179 21.72 -0.12 -6.09
CA MET C 179 -1.61 -20.99 1.45
CA MET C 179 20.46 -0.01 -5.38
C MET C 179 -0.42 -20.61 0.56
C MET C 179 20.11 -1.31 -4.68
N LEU C 180 0.76 -21.10 0.92
N LEU C 180 20.37 -2.43 -5.36
CA LEU C 180 1.97 -20.84 0.14
CA LEU C 180 20.11 -3.76 -4.80
C LEU C 180 1.77 -21.27 -1.30
C LEU C 180 20.82 -3.95 -3.47
N GLU C 181 1.26 -22.49 -1.48
N GLU C 181 22.10 -3.58 -3.43
CA GLU C 181 0.97 -23.01 -2.80
CA GLU C 181 22.89 -3.67 -2.20
C GLU C 181 -0.17 -22.23 -3.47
C GLU C 181 22.42 -2.67 -1.17
N ALA C 182 -1.25 -22.03 -2.73
N ALA C 182 22.23 -1.43 -1.60
CA ALA C 182 -2.46 -21.40 -3.27
CA ALA C 182 21.89 -0.33 -0.71
C ALA C 182 -2.22 -19.98 -3.79
C ALA C 182 20.59 -0.55 0.05
N THR C 183 -1.35 -19.23 -3.11
N THR C 183 19.62 -1.18 -0.61
CA THR C 183 -1.08 -17.85 -3.53
CA THR C 183 18.32 -1.41 0.00
C THR C 183 0.37 -17.64 -3.91
C THR C 183 17.97 -2.89 0.12
N SER C 184 0.99 -18.71 -4.41
N SER C 184 19.01 -3.72 0.19
CA SER C 184 2.37 -18.65 -4.90
CA SER C 184 18.85 -5.16 0.42
C SER C 184 2.54 -17.60 -6.00
C SER C 184 18.03 -5.46 1.68
N LEU C 185 3.68 -16.92 -5.99
N LEU C 185 17.20 -6.50 1.61
CA LEU C 185 4.00 -15.94 -7.03
CA LEU C 185 16.42 -6.93 2.77
C LEU C 185 3.95 -16.58 -8.42
C LEU C 185 17.33 -7.24 3.96
N ALA C 186 4.10 -17.90 -8.46
N ALA C 186 18.60 -7.52 3.68
CA ALA C 186 4.08 -18.65 -9.71
CA ALA C 186 19.58 -7.82 4.72
C ALA C 186 2.72 -18.63 -10.41
C ALA C 186 19.87 -6.63 5.62
N VAL C 187 1.65 -18.43 -9.64
N VAL C 187 19.69 -5.41 5.11
CA VAL C 187 0.30 -18.41 -10.23
CA VAL C 187 19.97 -4.21 5.90
C VAL C 187 -0.28 -17.00 -10.32
C VAL C 187 18.70 -3.54 6.42
N GLN C 188 0.47 -16.02 -9.83
N GLN C 188 17.55 -4.09 6.08
CA GLN C 188 -0.01 -14.63 -9.84
CA GLN C 188 16.27 -3.52 6.50
C GLN C 188 0.18 -13.99 -11.21
C GLN C 188 15.91 -3.94 7.93
N PRO C 189 -0.84 -13.26 -11.68
N PRO C 189 15.44 -2.99 8.74
CA PRO C 189 -0.70 -12.53 -12.95
CA PRO C 189 14.96 -3.32 10.08
C PRO C 189 0.32 -11.39 -12.85
C PRO C 189 13.70 -4.18 10.05
N ASP C 190 0.83 -10.95 -14.00
N ASP C 190 13.42 -4.88 11.16
CA ASP C 190 1.66 -9.74 -14.04
CA ASP C 190 12.16 -5.59 11.32
C ASP C 190 0.75 -8.53 -13.91
C ASP C 190 11.06 -4.57 11.63
N LEU C 191 0.90 -7.78 -12.83
N LEU C 191 10.15 -4.37 10.68
CA LEU C 191 -0.06 -6.73 -12.47
CA LEU C 191 9.17 -3.30 10.79
C LEU C 191 0.33 -5.32 -12.88
C LEU C 191 7.84 -3.73 11.41
N ARG C 192 1.41 -5.17 -13.64
N ARG C 192 7.80 -4.93 12.00
CA ARG C 192 1.90 -3.86 -14.04
CA ARG C 192 6.57 -5.44 12.58
C ARG C 192 0.85 -3.02 -14.75
C ARG C 192 6.03 -4.55 13.69
N ALA C 193 0.34 -3.57 -15.86
N ALA C 193 6.89 -4.22 14.66
CA ALA C 193 -0.61 -2.88 -16.72
CA ALA C 193 6.48 -3.43 15.81
C ALA C 193 -1.82 -2.40 -15.94
C ALA C 193 5.98 -2.06 15.40
N ASN C 194 -2.30 -3.24 -15.02
N ASN C 194 6.64 -1.46 14.42
CA ASN C 194 -3.40 -2.86 -14.15
CA ASN C 194 6.25 -0.16 13.91
C ASN C 194 -3.00 -1.74 -13.22
C ASN C 194 4.91 -0.23 13.19
N LEU C 195 -1.74 -1.75 -12.80
N LEU C 195 4.70 -1.31 12.44
CA LEU C 195 -1.21 -0.73 -11.90
CA LEU C 195 3.44 -1.51 11.73
C LEU C 195 -0.79 0.52 -12.66
C LEU C 195 2.33 -1.94 12.69
N SER C 196 -0.35 0.35 -13.90
N SER C 196 2.72 -2.56 13.80
CA SER C 196 0.05 1.49 -14.72
CA SER C 196 1.74 -2.96 14.81
C SER C 196 -1.15 2.33 -15.10
C SER C 196 1.19 -1.75 15.54
N ALA C 197 -2.27 1.65 -15.35
N ALA C 197 2.09 -0.82 15.87
CA ALA C 197 -3.52 2.32 -15.72
CA ALA C 197 1.70 0.41 16.57
C ALA C 197 -4.49 2.30 -14.54
C ALA C 197 1.53 1.56 15.58
N ARG C 198 -3.93 2.18 -13.33
N ARG C 198 1.36 1.22 14.31
CA ARG C 198 -4.75 2.07 -12.12
CA ARG C 198 1.28 2.22 13.25
C ARG C 198 -5.67 3.27 -11.93
C ARG C 198 0.21 3.27 13.50
N THR C 199 -6.79 3.03 -11.24
N THR C 199 0.46 4.48 13.04
CA THR C 199 -7.73 4.10 -10.94
CA THR C 199 -0.50 5.57 13.18
C THR C 199 -7.74 4.36 -9.44
C THR C 199 -1.15 5.88 11.83
N PHE C 200 -6.79 3.77 -8.73
N PHE C 200 -0.77 5.13 10.80
CA PHE C 200 -6.66 3.97 -7.29
CA PHE C 200 -1.31 5.33 9.46
C PHE C 200 -5.27 4.47 -6.92
C PHE C 200 -2.10 4.13 8.96
N ALA C 201 -5.17 5.09 -5.75
N ALA C 201 -2.91 4.34 7.94
CA ALA C 201 -3.89 5.58 -5.25
CA ALA C 201 -3.68 3.27 7.33
C ALA C 201 -3.03 4.40 -4.82
C ALA C 201 -2.74 2.38 6.51
N PHE C 202 -1.74 4.47 -5.14
N PHE C 202 -2.96 1.07 6.57
CA PHE C 202 -0.83 3.35 -4.91
CA PHE C 202 -2.04 0.12 5.96
C PHE C 202 0.54 3.84 -4.49
C PHE C 202 -2.78 -1.09 5.41
N TYR C 203 1.04 3.31 -3.38
N TYR C 203 -2.56 -1.38 4.13
CA TYR C 203 2.33 3.72 -2.83
CA TYR C 203 -3.24 -2.47 3.44
C TYR C 203 3.18 2.50 -2.50
C TYR C 203 -2.24 -3.33 2.69
N TYR C 204 4.49 2.64 -2.61
N TYR C 204 -2.55 -4.61 2.56
CA TYR C 204 5.39 1.52 -2.34
CA TYR C 204 -1.66 -5.54 1.89
C TYR C 204 6.36 1.85 -1.22
C TYR C 204 -2.33 -6.16 0.67
N LEU C 205 6.55 0.89 -0.34
N LEU C 205 -1.59 -6.25 -0.43
CA LEU C 205 7.57 0.98 0.70
CA LEU C 205 -2.03 -6.99 -1.60
C LEU C 205 8.61 -0.11 0.49
C LEU C 205 -1.08 -8.16 -1.83
N CYS C 206 9.88 0.20 0.74
N CYS C 206 -1.60 -9.27 -2.30
CA CYS C 206 10.94 -0.79 0.59
CA CYS C 206 -0.75 -10.43 -2.55
C CYS C 206 12.12 -0.49 1.48
C CYS C 206 -1.39 -11.38 -3.55
N GLY C 207 12.71 -1.53 2.07
N GLY C 207 -0.56 -11.93 -4.44
CA GLY C 207 13.92 -1.37 2.84
CA GLY C 207 -1.03 -12.93 -5.39
C GLY C 207 15.07 -0.88 1.98
C GLY C 207 -1.51 -14.19 -4.68
N GLU C 208 15.92 -0.03 2.57
N GLU C 208 -2.54 -14.82 -5.24
CA GLU C 208 17.09 0.48 1.86
CA GLU C 208 -3.09 -16.05 -4.66
C GLU C 208 17.96 -0.68 1.39
C GLU C 208 -2.02 -17.14 -4.64
N ARG C 209 18.07 -1.70 2.23
N ARG C 209 -1.21 -17.17 -5.69
CA ARG C 209 18.91 -2.86 1.95
CA ARG C 209 -0.17 -18.19 -5.83
C ARG C 209 18.18 -3.91 1.12
C ARG C 209 1.09 -17.80 -5.06
N ASP C 210 16.98 -3.56 0.66
N ASP C 210 1.07 -16.61 -4.47
CA ASP C 210 16.21 -4.46 -0.20
CA ASP C 210 2.22 -16.13 -3.69
C ASP C 210 16.32 -4.05 -1.68
C ASP C 210 2.08 -16.52 -2.21
N SER C 211 17.46 -4.33 -2.29
N SER C 211 2.29 -17.78 -1.91
CA SER C 211 17.75 -3.88 -3.64
CA SER C 211 2.07 -18.31 -0.56
C SER C 211 16.84 -4.53 -4.68
C SER C 211 3.04 -17.73 0.45
N LYS C 212 16.47 -5.80 -4.44
N LYS C 212 4.27 -17.46 0.03
CA LYS C 212 15.61 -6.53 -5.39
CA LYS C 212 5.29 -16.93 0.94
C LYS C 212 14.29 -5.80 -5.59
C LYS C 212 4.85 -15.60 1.56
N PHE C 213 13.65 -5.45 -4.48
N PHE C 213 4.42 -14.68 0.71
CA PHE C 213 12.34 -4.81 -4.57
CA PHE C 213 4.02 -13.36 1.18
C PHE C 213 12.44 -3.31 -4.76
C PHE C 213 2.58 -13.35 1.67
N ARG C 214 13.62 -2.74 -4.50
N ARG C 214 1.81 -14.38 1.33
CA ARG C 214 13.87 -1.35 -4.84
CA ARG C 214 0.47 -14.54 1.91
C ARG C 214 13.86 -1.18 -6.35
C ARG C 214 0.58 -14.81 3.41
N ALA C 215 14.48 -2.12 -7.06
N ALA C 215 1.51 -15.70 3.77
CA ALA C 215 14.49 -2.09 -8.51
CA ALA C 215 1.74 -16.02 5.17
C ALA C 215 13.10 -2.35 -9.08
C ALA C 215 2.33 -14.82 5.91
N LEU C 216 12.37 -3.27 -8.45
N LEU C 216 3.20 -14.09 5.22
CA LEU C 216 11.01 -3.58 -8.85
CA LEU C 216 3.79 -12.89 5.78
C LEU C 216 10.10 -2.37 -8.67
C LEU C 216 2.74 -11.83 6.08
N ALA C 217 10.29 -1.63 -7.58
N ALA C 217 1.78 -11.69 5.18
CA ALA C 217 9.49 -0.45 -7.31
CA ALA C 217 0.71 -10.70 5.36
C ALA C 217 9.65 0.60 -8.40
C ALA C 217 -0.12 -10.99 6.61
N ALA C 218 10.85 0.65 -8.98
N ALA C 218 -0.18 -12.27 6.98
CA ALA C 218 11.20 1.67 -9.96
CA ALA C 218 -1.04 -12.71 8.07
C ALA C 218 10.31 1.62 -11.21
C ALA C 218 -0.63 -12.16 9.44
N GLU C 219 9.85 0.44 -11.59
N GLU C 219 0.65 -11.84 9.60
CA GLU C 219 9.09 0.28 -12.83
CA GLU C 219 1.16 -11.39 10.89
C GLU C 219 7.57 0.26 -12.59
C GLU C 219 1.41 -9.88 10.97
N LEU C 220 7.16 0.52 -11.35
N LEU C 220 0.91 -9.14 9.98
CA LEU C 220 5.75 0.47 -11.00
CA LEU C 220 1.11 -7.70 9.93
C LEU C 220 5.18 1.85 -10.66
C LEU C 220 -0.21 -6.94 10.06
N ALA C 221 5.41 2.82 -11.53
N ALA C 221 -0.97 -7.24 11.10
CA ALA C 221 5.15 4.23 -11.21
CA ALA C 221 -2.37 -6.82 11.16
C ALA C 221 5.75 4.55 -9.85
C ALA C 221 -3.05 -7.13 9.82
N ALA C 222 7.08 4.58 -9.80
N ALA C 222 -3.26 -8.42 9.57
CA ALA C 222 7.84 4.56 -8.55
CA ALA C 222 -3.65 -8.95 8.26
C ALA C 222 7.48 5.64 -7.54
C ALA C 222 -4.87 -8.26 7.64
N ASP C 223 6.29 5.53 -6.96
N ASP C 223 -4.64 -7.11 7.00
CA ASP C 223 5.94 6.30 -5.77
CA ASP C 223 -5.63 -6.48 6.14
C ASP C 223 6.46 5.55 -4.55
C ASP C 223 -5.25 -6.76 4.69
N CYS C 224 7.78 5.50 -4.43
N CYS C 224 -5.38 -8.02 4.29
CA CYS C 224 8.44 4.61 -3.47
CA CYS C 224 -4.83 -8.49 3.01
C CYS C 224 9.14 5.36 -2.33
C CYS C 224 -5.89 -8.79 1.96
N HIS C 225 8.78 5.02 -1.10
N HIS C 225 -5.72 -8.19 0.78
CA HIS C 225 9.47 5.55 0.07
CA HIS C 225 -6.55 -8.52 -0.38
C HIS C 225 10.51 4.55 0.55
C HIS C 225 -5.81 -9.52 -1.26
N VAL C 226 11.77 4.97 0.55
N VAL C 226 -6.43 -10.68 -1.47
CA VAL C 226 12.85 4.09 0.95
CA VAL C 226 -5.80 -11.73 -2.25
C VAL C 226 13.07 4.18 2.46
C VAL C 226 -6.22 -11.64 -3.71
N ILE C 227 12.98 3.04 3.14
N ILE C 227 -5.25 -11.41 -4.58
CA ILE C 227 13.14 3.04 4.59
CA ILE C 227 -5.53 -11.26 -6.01
C ILE C 227 14.59 2.79 4.99
C ILE C 227 -5.57 -12.62 -6.70
N PRO C 228 15.21 3.78 5.65
N PRO C 228 -6.73 -13.01 -7.24
CA PRO C 228 16.63 3.69 6.04
CA PRO C 228 -6.90 -14.32 -7.88
C PRO C 228 16.94 2.51 6.95
C PRO C 228 -5.99 -14.54 -9.08
N ARG C 229 18.15 1.95 6.82
N ARG C 229 -5.61 -15.79 -9.33
CA ARG C 229 18.66 0.93 7.72
CA ARG C 229 -4.88 -16.18 -10.52
C ARG C 229 17.70 -0.24 7.93
C ARG C 229 -3.64 -15.32 -10.77
N ALA C 230 17.19 -0.78 6.82
N ALA C 230 -2.87 -15.07 -9.71
CA ALA C 230 16.19 -1.84 6.93
CA ALA C 230 -1.73 -14.18 -9.81
C ALA C 230 16.23 -2.79 5.74
C ALA C 230 -0.56 -14.63 -8.93
N GLY C 231 15.93 -4.06 6.01
N GLY C 231 0.65 -14.37 -9.41
CA GLY C 231 15.87 -5.08 4.99
CA GLY C 231 1.87 -14.66 -8.67
C GLY C 231 14.48 -5.20 4.38
C GLY C 231 2.31 -13.46 -7.85
N HIS C 232 14.13 -6.42 3.97
N HIS C 232 3.63 -13.33 -7.66
CA HIS C 232 12.86 -6.70 3.31
CA HIS C 232 4.20 -12.27 -6.83
C HIS C 232 11.65 -6.35 4.18
C HIS C 232 3.86 -10.89 -7.36
N ASN C 233 11.63 -6.86 5.41
N ASN C 233 4.12 -10.66 -8.65
CA ASN C 233 10.65 -6.45 6.40
CA ASN C 233 3.70 -9.43 -9.30
C ASN C 233 11.10 -5.16 7.08
C ASN C 233 2.26 -9.57 -9.76
N ALA C 234 10.87 -4.03 6.41
N ALA C 234 1.33 -9.38 -8.83
CA ALA C 234 11.35 -2.75 6.89
CA ALA C 234 -0.07 -9.63 -9.10
C ALA C 234 10.56 -2.27 8.13
C ALA C 234 -0.70 -8.56 -9.99
N HIS C 235 9.27 -2.57 8.18
N HIS C 235 -0.23 -7.32 -9.89
CA HIS C 235 8.47 -2.08 9.30
CA HIS C 235 -0.82 -6.26 -10.71
C HIS C 235 8.88 -2.76 10.61
C HIS C 235 -0.48 -6.44 -12.20
N ARG C 236 9.40 -3.99 10.50
N ARG C 236 0.65 -7.07 -12.48
CA ARG C 236 9.82 -4.71 11.69
CA ARG C 236 1.06 -7.30 -13.86
C ARG C 236 11.15 -4.16 12.20
C ARG C 236 0.24 -8.44 -14.46
N GLU C 237 12.04 -3.85 11.25
N GLU C 237 -0.01 -9.47 -13.66
CA GLU C 237 13.38 -3.40 11.61
CA GLU C 237 -0.70 -10.65 -14.15
C GLU C 237 13.46 -1.90 11.89
C GLU C 237 -2.22 -10.53 -14.10
N ASN C 238 12.64 -1.11 11.20
N ASN C 238 -2.73 -9.80 -13.12
CA ASN C 238 12.59 0.33 11.44
CA ASN C 238 -4.17 -9.55 -13.00
C ASN C 238 11.14 0.81 11.51
C ASN C 238 -4.46 -8.08 -12.67
N PRO C 239 10.44 0.46 12.61
N PRO C 239 -4.24 -7.19 -13.64
CA PRO C 239 9.04 0.84 12.71
CA PRO C 239 -4.43 -5.76 -13.39
C PRO C 239 8.81 2.35 12.73
C PRO C 239 -5.88 -5.40 -13.06
N ALA C 240 9.68 3.12 13.39
N ALA C 240 -6.86 -6.04 -13.67
CA ALA C 240 9.49 4.56 13.41
CA ALA C 240 -8.24 -5.72 -13.34
C ALA C 240 9.66 5.15 12.00
C ALA C 240 -8.55 -6.11 -11.90
N GLY C 241 10.58 4.58 11.23
N GLY C 241 -7.97 -7.22 -11.44
CA GLY C 241 10.78 5.01 9.85
CA GLY C 241 -8.17 -7.65 -10.07
C GLY C 241 9.56 4.78 8.97
C GLY C 241 -7.58 -6.70 -9.05
N VAL C 242 8.97 3.60 9.10
N VAL C 242 -6.37 -6.23 -9.32
CA VAL C 242 7.77 3.27 8.33
CA VAL C 242 -5.72 -5.28 -8.42
C VAL C 242 6.57 4.09 8.82
C VAL C 242 -6.48 -3.93 -8.48
N ILE C 243 6.45 4.31 10.13
N ILE C 243 -6.94 -3.51 -9.65
CA ILE C 243 5.38 5.15 10.66
CA ILE C 243 -7.70 -2.27 -9.74
C ILE C 243 5.45 6.55 10.04
C ILE C 243 -8.95 -2.34 -8.86
N ALA C 244 6.66 7.11 9.97
N ALA C 244 -9.68 -3.45 -8.94
CA ALA C 244 6.86 8.41 9.35
CA ALA C 244 -10.85 -3.64 -8.08
C ALA C 244 6.45 8.40 7.89
C ALA C 244 -10.49 -3.58 -6.60
N SER C 245 6.91 7.42 7.13
N SER C 245 -9.43 -4.30 -6.21
CA SER C 245 6.54 7.34 5.71
CA SER C 245 -9.00 -4.25 -4.81
C SER C 245 5.03 7.24 5.56
C SER C 245 -8.64 -2.84 -4.37
N LEU C 246 4.41 6.36 6.33
N LEU C 246 -7.88 -2.13 -5.19
CA LEU C 246 2.96 6.23 6.30
CA LEU C 246 -7.51 -0.75 -4.88
C LEU C 246 2.24 7.53 6.68
C LEU C 246 -8.72 0.17 -4.81
N ALA C 247 2.76 8.26 7.67
N ALA C 247 -9.71 -0.06 -5.66
CA ALA C 247 2.12 9.51 8.05
CA ALA C 247 -10.92 0.74 -5.63
C ALA C 247 2.17 10.53 6.90
C ALA C 247 -11.67 0.55 -4.31
N GLN C 248 3.27 10.54 6.14
N GLN C 248 -11.64 -0.67 -3.79
CA GLN C 248 3.42 11.40 4.97
CA GLN C 248 -12.29 -1.00 -2.52
C GLN C 248 2.40 11.05 3.88
C GLN C 248 -11.60 -0.30 -1.35
N ILE C 249 2.14 9.76 3.72
N ILE C 249 -10.29 -0.16 -1.46
CA ILE C 249 1.19 9.29 2.72
CA ILE C 249 -9.49 0.52 -0.45
C ILE C 249 -0.27 9.50 3.14
C ILE C 249 -9.60 2.04 -0.53
N LEU C 250 -0.58 9.11 4.37
N LEU C 250 -9.39 2.57 -1.73
CA LEU C 250 -1.97 9.05 4.83
CA LEU C 250 -9.27 4.01 -1.94
C LEU C 250 -2.54 10.41 5.18
C LEU C 250 -10.59 4.76 -1.86
N ARG C 251 -1.71 11.27 5.74
N ARG C 251 -11.66 4.15 -2.34
CA ARG C 251 -2.21 12.48 6.35
CA ARG C 251 -12.89 4.88 -2.53
C ARG C 251 -2.16 13.69 5.42
C ARG C 251 -13.88 4.69 -1.38
N PHE C 252 -1.41 13.57 4.33
N PHE C 252 -13.60 3.75 -0.49
CA PHE C 252 -1.32 14.64 3.34
CA PHE C 252 -14.45 3.52 0.69
C PHE C 252 -2.17 14.33 2.12
C PHE C 252 -13.78 4.02 1.97
O1 164 D . 16.98 13.64 34.39
C7 164 D . 17.84 14.50 34.65
O2 164 D . 17.75 15.61 35.19
C2 164 D . 19.26 14.14 34.26
C3 164 D . 20.17 14.03 35.50
C4 164 D . 20.21 12.66 36.09
C5 164 D . 20.06 11.56 35.33
C6 164 D . 19.79 11.70 33.92
O9 164 D . 21.46 14.43 35.18
C1 164 D . 19.42 12.90 33.40
C8 164 D . 19.15 13.01 31.94
O3 164 D . 18.81 14.12 31.50
C9 164 D . 19.30 11.81 31.03
C10 164 D . 20.73 11.45 30.73
C11 164 D . 20.96 10.43 29.64
O5 164 D . 22.16 10.10 29.62
O4 164 D . 19.98 10.10 28.94
C1 GOL E . 23.13 12.80 40.07
O1 GOL E . 24.37 13.38 40.37
C2 GOL E . 23.33 12.16 38.72
O2 GOL E . 22.24 11.34 38.40
C3 GOL E . 23.71 13.16 37.64
O3 GOL E . 22.86 14.28 37.57
O1 164 F . -24.39 -7.80 -33.30
C7 164 F . -23.22 -8.09 -33.05
O2 164 F . -22.21 -7.41 -32.81
C2 164 F . -23.01 -9.60 -33.02
C3 164 F . -23.30 -10.20 -34.40
C4 164 F . -22.10 -10.22 -35.29
C5 164 F . -20.85 -10.36 -34.81
C6 164 F . -20.65 -10.42 -33.37
O9 164 F . -23.78 -11.50 -34.26
C1 164 F . -21.66 -10.05 -32.53
C8 164 F . -21.44 -10.13 -31.07
O3 164 F . -22.38 -9.80 -30.30
C9 164 F . -20.12 -10.58 -30.49
C10 164 F . -19.89 -12.07 -30.54
C11 164 F . -18.71 -12.63 -29.78
O5 164 F . -18.12 -11.86 -28.99
O4 164 F . -18.58 -13.83 -30.06
C PYR G . -23.43 -12.42 -39.18
O PYR G . -24.06 -13.22 -39.95
OXT PYR G . -22.76 -11.47 -39.67
CA PYR G . -23.40 -12.57 -37.68
O3 PYR G . -24.33 -12.40 -36.91
CB PYR G . -22.05 -12.89 -37.12
#